data_5JS1
#
_entry.id   5JS1
#
_cell.length_a   62.932
_cell.length_b   107.119
_cell.length_c   68.198
_cell.angle_alpha   90.00
_cell.angle_beta   106.98
_cell.angle_gamma   90.00
#
_symmetry.space_group_name_H-M   'P 1 21 1'
#
loop_
_entity.id
_entity.type
_entity.pdbx_description
1 polymer 'Protein argonaute-2'
2 polymer siRNA
3 non-polymer PHENOL
4 non-polymer 'MAGNESIUM ION'
5 water water
#
loop_
_entity_poly.entity_id
_entity_poly.type
_entity_poly.pdbx_seq_one_letter_code
_entity_poly.pdbx_strand_id
1 'polypeptide(L)'
;MYSGAGPALAPPAPPPPIQGYAFKPPPRPDFGTSGRTIKLQANFFEMDIPKIDIYHYELDIKPEKCPRRVNREIVEHMVQ
HFKTQIFGDRKPVFDGRKNLYTAMPLPIGRDKVELEVTLPGEGKDRIFKVSIKWVSCVSLQALHDALSGRLPSVPFETIQ
ALDVVMRHLPSMRYTPVGRSFFTASEGCSNPLGGGREVWFGFHQSVRPSLWKMMLNIDVSATAFYKAQPVIEFVCEVLDF
KSIEEQQKPLTDSQRVKFTKEIKGLKVEITHCGQMKRKYRVCNVTRRPASHQTFPLQQESGQTVECTVAQYFKDRHKLVL
RYPHLPCLQVGQEQKHTYLPLEVCNIVAGQRCIKKLTDNQTSTMIRATARSAPDRQEEISKLMRSADFNTDPYVREFGIM
VKDEMTDVTGRVLQPPSILYGGRNKAIATPVQGVWDMRNKQFHTGIEIKVWAIACFAPQRQCTEVHLKSFTEQLRKISRD
AGMPIQGQPCFCKYAQGADSVEPMFRHLKNTYAGLQLVVVILPGKTPVYAEVKRVGDTVLGMATQCVQMKNVQRTTPQTL
SNLCLKINVKLGGVNNILLPQGRPPVFQQPVIFLGADVTHPPAGDGKKPSIAAVVGSMDAHPNRYCATVRVQQHRQEIIQ
DLAAMVRELLIQFYKSTRFKPTRIIFYRDGVSEGQFQQVLHHELLAIREACIKLEKDYQPGITFIVVQKRHHTRLFCTDK
NERVGKSGNIPAGTTVDTKITHPTEFDFYLCSHAGIQGTSRPSHYHVLWDDNRFSSDELQILTYQLCHTYVRCTRSVSIP
APAYYAHLVAFRARYHLVDKEHDSAEGSHTSGQSNGRDHQALAKAVQVHQDTLRTMYFA
;
A
2 'polyribonucleotide' UUAUCUAUAAUGAUCAGGUAA B
#
loop_
_chem_comp.id
_chem_comp.type
_chem_comp.name
_chem_comp.formula
A RNA linking ADENOSINE-5'-MONOPHOSPHATE 'C10 H14 N5 O7 P'
C RNA linking CYTIDINE-5'-MONOPHOSPHATE 'C9 H14 N3 O8 P'
G RNA linking GUANOSINE-5'-MONOPHOSPHATE 'C10 H14 N5 O8 P'
IPH non-polymer PHENOL 'C6 H6 O'
MG non-polymer 'MAGNESIUM ION' 'Mg 2'
U RNA linking URIDINE-5'-MONOPHOSPHATE 'C9 H13 N2 O9 P'
#
# COMPACT_ATOMS: atom_id res chain seq x y z
N PHE A 23 -24.75 5.75 6.38
CA PHE A 23 -24.65 5.01 7.62
C PHE A 23 -24.50 3.51 7.37
N LYS A 24 -25.35 2.96 6.52
CA LYS A 24 -25.32 1.54 6.19
C LYS A 24 -25.18 1.33 4.68
N PRO A 25 -24.25 0.45 4.26
CA PRO A 25 -24.06 0.21 2.82
C PRO A 25 -25.30 -0.35 2.13
N PRO A 26 -25.53 0.03 0.86
CA PRO A 26 -26.71 -0.43 0.14
C PRO A 26 -26.62 -1.90 -0.27
N PRO A 27 -27.77 -2.58 -0.41
CA PRO A 27 -27.75 -3.98 -0.84
C PRO A 27 -27.41 -4.10 -2.32
N ARG A 28 -26.92 -5.27 -2.75
CA ARG A 28 -26.61 -5.49 -4.16
C ARG A 28 -27.87 -5.25 -5.00
N PRO A 29 -27.81 -4.29 -5.94
CA PRO A 29 -29.02 -3.97 -6.72
C PRO A 29 -29.37 -5.06 -7.71
N ASP A 30 -28.36 -5.66 -8.33
CA ASP A 30 -28.56 -6.73 -9.30
C ASP A 30 -27.24 -7.42 -9.56
N PHE A 31 -27.26 -8.40 -10.47
CA PHE A 31 -26.05 -9.07 -10.92
C PHE A 31 -25.76 -8.67 -12.36
N GLY A 32 -24.49 -8.43 -12.66
CA GLY A 32 -24.09 -8.02 -13.98
C GLY A 32 -24.28 -9.11 -15.02
N THR A 33 -24.61 -8.70 -16.25
CA THR A 33 -24.84 -9.65 -17.34
C THR A 33 -23.98 -9.33 -18.57
N SER A 34 -23.32 -8.16 -18.55
CA SER A 34 -22.50 -7.72 -19.67
C SER A 34 -21.20 -8.51 -19.75
N GLY A 35 -20.66 -8.64 -20.96
CA GLY A 35 -19.41 -9.35 -21.16
C GLY A 35 -19.60 -10.84 -21.42
N ARG A 36 -18.57 -11.48 -21.99
CA ARG A 36 -18.63 -12.90 -22.28
C ARG A 36 -18.14 -13.72 -21.09
N THR A 37 -18.80 -14.83 -20.84
CA THR A 37 -18.50 -15.66 -19.67
C THR A 37 -17.13 -16.32 -19.81
N ILE A 38 -16.49 -16.54 -18.66
CA ILE A 38 -15.20 -17.20 -18.61
C ILE A 38 -15.11 -18.01 -17.32
N LYS A 39 -14.64 -19.24 -17.42
CA LYS A 39 -14.49 -20.08 -16.24
C LYS A 39 -13.30 -19.62 -15.41
N LEU A 40 -13.52 -19.47 -14.11
CA LEU A 40 -12.47 -19.02 -13.20
C LEU A 40 -12.39 -19.90 -11.96
N GLN A 41 -11.22 -19.89 -11.34
CA GLN A 41 -11.03 -20.49 -10.02
C GLN A 41 -10.45 -19.44 -9.10
N ALA A 42 -11.07 -19.28 -7.93
CA ALA A 42 -10.58 -18.34 -6.91
C ALA A 42 -9.89 -19.10 -5.79
N ASN A 43 -8.91 -18.47 -5.16
CA ASN A 43 -8.26 -19.08 -4.01
C ASN A 43 -9.14 -18.97 -2.75
N PHE A 44 -10.43 -19.24 -2.93
CA PHE A 44 -11.40 -19.33 -1.85
C PHE A 44 -11.80 -20.79 -1.69
N PHE A 45 -11.66 -21.32 -0.48
CA PHE A 45 -11.98 -22.72 -0.23
C PHE A 45 -13.19 -22.85 0.67
N GLU A 46 -14.25 -23.46 0.13
CA GLU A 46 -15.52 -23.58 0.85
C GLU A 46 -15.37 -24.27 2.20
N MET A 47 -16.00 -23.69 3.21
CA MET A 47 -15.97 -24.23 4.57
C MET A 47 -17.31 -24.86 4.90
N ASP A 48 -17.27 -26.13 5.31
CA ASP A 48 -18.45 -26.79 5.84
C ASP A 48 -18.47 -26.60 7.34
N ILE A 49 -19.48 -25.91 7.84
CA ILE A 49 -19.52 -25.50 9.24
C ILE A 49 -20.77 -26.02 9.94
N PRO A 50 -20.63 -26.54 11.17
CA PRO A 50 -21.79 -27.05 11.90
C PRO A 50 -22.70 -25.93 12.40
N LYS A 51 -23.89 -26.29 12.85
CA LYS A 51 -24.87 -25.30 13.29
C LYS A 51 -24.93 -25.26 14.82
N ILE A 52 -23.82 -25.66 15.44
CA ILE A 52 -23.71 -25.68 16.90
C ILE A 52 -23.51 -24.28 17.46
N ASP A 53 -23.37 -24.21 18.78
CA ASP A 53 -23.05 -22.96 19.46
C ASP A 53 -21.66 -23.04 20.09
N ILE A 54 -20.79 -22.12 19.70
CA ILE A 54 -19.46 -21.99 20.32
C ILE A 54 -19.61 -21.19 21.61
N TYR A 55 -18.78 -21.54 22.59
CA TYR A 55 -18.87 -20.93 23.92
C TYR A 55 -17.68 -20.03 24.20
N HIS A 56 -17.98 -18.76 24.42
CA HIS A 56 -16.99 -17.70 24.50
C HIS A 56 -16.63 -17.36 25.94
N TYR A 57 -15.37 -17.56 26.30
CA TYR A 57 -14.88 -17.24 27.63
C TYR A 57 -13.89 -16.09 27.58
N GLU A 58 -13.87 -15.27 28.63
CA GLU A 58 -12.95 -14.15 28.72
C GLU A 58 -11.83 -14.46 29.70
N LEU A 59 -10.60 -14.24 29.25
CA LEU A 59 -9.40 -14.45 30.06
C LEU A 59 -8.77 -13.13 30.46
N ASP A 60 -8.51 -12.96 31.75
CA ASP A 60 -7.73 -11.84 32.25
C ASP A 60 -6.44 -12.36 32.85
N ILE A 61 -5.34 -12.06 32.18
CA ILE A 61 -4.02 -12.56 32.56
C ILE A 61 -3.21 -11.43 33.15
N LYS A 62 -2.60 -11.66 34.31
CA LYS A 62 -1.79 -10.66 34.99
C LYS A 62 -0.38 -11.19 35.21
N PRO A 63 0.62 -10.60 34.58
CA PRO A 63 0.63 -9.24 34.04
C PRO A 63 -0.27 -9.13 32.82
N GLU A 64 -0.64 -7.93 32.43
CA GLU A 64 -1.68 -7.78 31.41
C GLU A 64 -1.20 -7.31 30.03
N LYS A 65 0.11 -7.14 29.86
CA LYS A 65 0.64 -6.69 28.57
C LYS A 65 1.85 -7.52 28.13
N CYS A 66 1.78 -8.82 28.35
CA CYS A 66 2.73 -9.75 27.76
C CYS A 66 2.32 -9.94 26.30
N PRO A 67 3.31 -10.21 25.42
CA PRO A 67 2.94 -10.40 24.01
C PRO A 67 2.08 -11.65 23.82
N ARG A 68 1.35 -11.71 22.71
CA ARG A 68 0.38 -12.78 22.48
C ARG A 68 0.97 -14.17 22.57
N ARG A 69 2.22 -14.33 22.16
CA ARG A 69 2.87 -15.63 22.19
C ARG A 69 3.01 -16.14 23.63
N VAL A 70 3.41 -15.24 24.53
CA VAL A 70 3.52 -15.58 25.93
C VAL A 70 2.16 -15.97 26.48
N ASN A 71 1.14 -15.18 26.14
CA ASN A 71 -0.22 -15.49 26.53
C ASN A 71 -0.68 -16.85 26.00
N ARG A 72 -0.22 -17.20 24.81
CA ARG A 72 -0.62 -18.45 24.18
C ARG A 72 -0.02 -19.66 24.87
N GLU A 73 1.24 -19.56 25.28
CA GLU A 73 1.88 -20.64 26.02
C GLU A 73 1.33 -20.74 27.43
N ILE A 74 0.94 -19.61 27.99
CA ILE A 74 0.27 -19.59 29.29
C ILE A 74 -1.04 -20.38 29.21
N VAL A 75 -1.82 -20.10 28.17
CA VAL A 75 -3.07 -20.81 27.93
C VAL A 75 -2.79 -22.27 27.58
N GLU A 76 -1.73 -22.52 26.83
CA GLU A 76 -1.39 -23.88 26.42
C GLU A 76 -1.08 -24.75 27.64
N HIS A 77 -0.28 -24.23 28.57
CA HIS A 77 0.07 -24.94 29.78
C HIS A 77 -1.12 -25.01 30.74
N MET A 78 -1.93 -23.95 30.75
CA MET A 78 -3.10 -23.90 31.60
C MET A 78 -4.09 -25.02 31.29
N VAL A 79 -4.32 -25.25 30.00
CA VAL A 79 -5.26 -26.30 29.58
C VAL A 79 -4.74 -27.69 29.95
N GLN A 80 -3.46 -27.92 29.71
CA GLN A 80 -2.84 -29.21 30.01
C GLN A 80 -2.74 -29.45 31.52
N HIS A 81 -2.56 -28.37 32.28
CA HIS A 81 -2.40 -28.47 33.72
C HIS A 81 -3.72 -28.77 34.41
N PHE A 82 -4.77 -28.04 34.01
CA PHE A 82 -6.09 -28.18 34.61
C PHE A 82 -7.00 -29.06 33.76
N LYS A 83 -6.43 -30.14 33.23
CA LYS A 83 -7.17 -31.06 32.38
C LYS A 83 -8.19 -31.85 33.21
N THR A 84 -7.79 -32.23 34.42
CA THR A 84 -8.61 -33.11 35.25
C THR A 84 -9.95 -32.46 35.64
N GLN A 85 -9.90 -31.21 36.07
CA GLN A 85 -11.06 -30.58 36.70
C GLN A 85 -11.75 -29.50 35.84
N ILE A 86 -11.04 -28.97 34.85
CA ILE A 86 -11.57 -27.88 34.03
C ILE A 86 -11.88 -28.31 32.60
N PHE A 87 -10.82 -28.59 31.84
CA PHE A 87 -10.95 -28.71 30.38
C PHE A 87 -11.20 -30.12 29.89
N GLY A 88 -10.57 -31.11 30.51
CA GLY A 88 -10.77 -32.49 30.11
C GLY A 88 -10.22 -32.78 28.73
N ASP A 89 -11.03 -33.42 27.88
CA ASP A 89 -10.59 -33.80 26.54
C ASP A 89 -10.78 -32.68 25.52
N ARG A 90 -11.40 -31.58 25.93
CA ARG A 90 -11.66 -30.46 25.04
C ARG A 90 -10.37 -29.80 24.56
N LYS A 91 -10.43 -29.22 23.36
CA LYS A 91 -9.30 -28.52 22.76
C LYS A 91 -9.70 -27.09 22.45
N PRO A 92 -9.61 -26.20 23.45
CA PRO A 92 -10.01 -24.81 23.22
C PRO A 92 -9.07 -24.06 22.28
N VAL A 93 -9.56 -22.99 21.68
CA VAL A 93 -8.73 -22.11 20.85
C VAL A 93 -8.64 -20.73 21.52
N PHE A 94 -7.64 -19.95 21.13
CA PHE A 94 -7.28 -18.73 21.86
C PHE A 94 -6.70 -17.67 20.92
N ASP A 95 -7.17 -16.45 21.05
CA ASP A 95 -6.76 -15.37 20.19
C ASP A 95 -5.51 -14.64 20.64
N GLY A 96 -4.95 -15.07 21.74
CA GLY A 96 -3.75 -14.47 22.25
C GLY A 96 -3.96 -13.26 23.11
N ARG A 97 -5.20 -12.90 23.36
CA ARG A 97 -5.50 -11.78 24.17
C ARG A 97 -6.32 -12.12 25.36
N LYS A 98 -7.61 -12.15 25.19
CA LYS A 98 -8.50 -12.41 26.31
C LYS A 98 -9.60 -13.41 25.95
N ASN A 99 -9.72 -13.73 24.66
CA ASN A 99 -10.84 -14.54 24.18
C ASN A 99 -10.45 -16.00 23.92
N LEU A 100 -11.10 -16.90 24.66
CA LEU A 100 -10.92 -18.35 24.49
C LEU A 100 -12.25 -19.01 24.17
N TYR A 101 -12.25 -19.87 23.15
CA TYR A 101 -13.47 -20.52 22.69
C TYR A 101 -13.41 -22.04 22.86
N THR A 102 -14.55 -22.65 23.16
CA THR A 102 -14.66 -24.10 23.27
C THR A 102 -15.79 -24.63 22.41
N ALA A 103 -15.67 -25.89 21.99
CA ALA A 103 -16.71 -26.53 21.19
C ALA A 103 -17.93 -26.85 22.05
N MET A 104 -17.68 -27.26 23.29
CA MET A 104 -18.73 -27.50 24.27
C MET A 104 -18.35 -26.82 25.59
N PRO A 105 -19.35 -26.47 26.41
CA PRO A 105 -19.12 -25.59 27.56
C PRO A 105 -18.26 -26.23 28.66
N LEU A 106 -17.40 -25.43 29.25
CA LEU A 106 -16.55 -25.86 30.35
C LEU A 106 -17.38 -26.00 31.62
N PRO A 107 -17.00 -26.90 32.50
CA PRO A 107 -17.79 -27.11 33.70
C PRO A 107 -17.51 -26.15 34.84
N ILE A 108 -17.86 -24.91 34.59
CA ILE A 108 -17.73 -23.89 35.59
C ILE A 108 -18.92 -22.93 35.59
N GLY A 109 -19.92 -23.23 34.77
CA GLY A 109 -21.09 -22.39 34.60
C GLY A 109 -20.64 -20.98 34.30
N ARG A 110 -21.11 -20.00 35.06
CA ARG A 110 -20.75 -18.64 34.77
C ARG A 110 -20.08 -17.94 35.90
N ASP A 111 -19.48 -18.70 36.79
CA ASP A 111 -18.79 -18.08 37.89
C ASP A 111 -17.32 -17.96 37.58
N LYS A 112 -16.80 -16.75 37.64
CA LYS A 112 -15.40 -16.50 37.38
C LYS A 112 -14.47 -17.36 38.21
N VAL A 113 -13.40 -17.85 37.59
CA VAL A 113 -12.46 -18.69 38.28
C VAL A 113 -11.04 -18.17 38.22
N GLU A 114 -10.40 -18.08 39.36
CA GLU A 114 -9.02 -17.61 39.40
C GLU A 114 -8.05 -18.79 39.53
N LEU A 115 -7.14 -18.90 38.56
CA LEU A 115 -6.15 -19.96 38.54
C LEU A 115 -4.74 -19.37 38.49
N GLU A 116 -3.74 -20.19 38.76
CA GLU A 116 -2.35 -19.77 38.67
C GLU A 116 -1.57 -20.70 37.74
N VAL A 117 -0.92 -20.10 36.75
CA VAL A 117 -0.16 -20.86 35.76
C VAL A 117 1.33 -20.56 35.92
N THR A 118 2.16 -21.59 35.79
CA THR A 118 3.59 -21.45 35.94
C THR A 118 4.33 -21.75 34.63
N LEU A 119 5.05 -20.75 34.14
CA LEU A 119 5.99 -20.93 33.03
C LEU A 119 7.40 -20.99 33.61
N PRO A 120 8.33 -21.62 32.89
CA PRO A 120 9.72 -21.70 33.39
C PRO A 120 10.39 -20.33 33.48
N ARG A 126 7.37 -15.81 35.55
CA ARG A 126 7.34 -17.24 35.84
C ARG A 126 5.94 -17.70 36.25
N ILE A 127 5.30 -16.92 37.12
CA ILE A 127 3.96 -17.22 37.60
C ILE A 127 2.95 -16.22 37.02
N PHE A 128 1.79 -16.71 36.62
CA PHE A 128 0.73 -15.87 36.07
C PHE A 128 -0.62 -16.21 36.65
N LYS A 129 -1.29 -15.19 37.21
CA LYS A 129 -2.65 -15.34 37.71
C LYS A 129 -3.61 -15.21 36.54
N VAL A 130 -4.41 -16.25 36.32
CA VAL A 130 -5.35 -16.30 35.19
C VAL A 130 -6.77 -16.54 35.66
N SER A 131 -7.66 -15.60 35.36
CA SER A 131 -9.08 -15.75 35.66
C SER A 131 -9.84 -16.07 34.38
N ILE A 132 -10.92 -16.83 34.52
CA ILE A 132 -11.73 -17.23 33.37
C ILE A 132 -13.22 -17.17 33.73
N LYS A 133 -13.97 -16.40 32.94
CA LYS A 133 -15.41 -16.31 33.12
C LYS A 133 -16.12 -16.47 31.79
N TRP A 134 -17.17 -17.28 31.77
CA TRP A 134 -18.01 -17.41 30.59
C TRP A 134 -18.69 -16.07 30.32
N VAL A 135 -18.70 -15.65 29.06
CA VAL A 135 -19.22 -14.34 28.67
C VAL A 135 -20.40 -14.44 27.69
N SER A 136 -20.35 -15.44 26.81
CA SER A 136 -21.36 -15.50 25.75
C SER A 136 -21.37 -16.83 24.99
N CYS A 137 -22.39 -16.99 24.15
CA CYS A 137 -22.44 -18.05 23.16
C CYS A 137 -22.39 -17.42 21.77
N VAL A 138 -21.83 -18.15 20.81
CA VAL A 138 -21.80 -17.72 19.42
C VAL A 138 -22.51 -18.76 18.56
N SER A 139 -23.65 -18.36 17.98
CA SER A 139 -24.48 -19.27 17.20
C SER A 139 -24.00 -19.32 15.76
N LEU A 140 -23.57 -20.50 15.33
CA LEU A 140 -23.18 -20.70 13.95
C LEU A 140 -24.44 -20.72 13.07
N GLN A 141 -25.58 -21.01 13.68
CA GLN A 141 -26.85 -20.96 12.98
C GLN A 141 -27.18 -19.52 12.59
N ALA A 142 -26.89 -18.60 13.49
CA ALA A 142 -27.09 -17.18 13.23
C ALA A 142 -26.31 -16.74 12.01
N LEU A 143 -25.16 -17.38 11.79
CA LEU A 143 -24.33 -17.10 10.64
C LEU A 143 -24.89 -17.76 9.39
N HIS A 144 -25.29 -19.02 9.52
CA HIS A 144 -25.81 -19.78 8.39
C HIS A 144 -26.90 -19.05 7.62
N ASP A 145 -27.83 -18.45 8.35
CA ASP A 145 -28.96 -17.74 7.73
C ASP A 145 -28.61 -16.29 7.43
N ALA A 146 -27.56 -15.78 8.07
CA ALA A 146 -27.03 -14.47 7.72
C ALA A 146 -26.42 -14.55 6.31
N LEU A 147 -26.00 -15.74 5.93
CA LEU A 147 -25.48 -16.00 4.59
C LEU A 147 -26.60 -16.22 3.58
N SER A 148 -27.84 -16.20 4.07
CA SER A 148 -29.01 -16.41 3.21
C SER A 148 -30.06 -15.35 3.53
N GLY A 149 -29.91 -14.16 2.94
CA GLY A 149 -30.75 -13.04 3.28
C GLY A 149 -30.48 -12.64 4.72
N ARG A 150 -31.55 -12.30 5.45
CA ARG A 150 -31.42 -11.90 6.85
C ARG A 150 -30.38 -10.80 6.98
N LEU A 151 -30.55 -9.72 6.22
CA LEU A 151 -29.55 -8.68 6.12
C LEU A 151 -29.40 -7.94 7.45
N VAL A 154 -24.74 -9.27 9.16
CA VAL A 154 -23.86 -10.41 9.41
C VAL A 154 -23.16 -10.26 10.76
N PRO A 155 -23.10 -11.33 11.56
CA PRO A 155 -22.46 -11.24 12.88
C PRO A 155 -20.94 -11.29 12.80
N PHE A 156 -20.28 -10.16 13.05
CA PHE A 156 -18.84 -10.06 13.01
C PHE A 156 -18.18 -10.96 14.07
N GLU A 157 -18.90 -11.20 15.17
CA GLU A 157 -18.35 -11.97 16.28
C GLU A 157 -18.30 -13.46 15.98
N THR A 158 -19.23 -13.94 15.15
CA THR A 158 -19.23 -15.33 14.75
C THR A 158 -18.09 -15.58 13.76
N ILE A 159 -17.86 -14.61 12.90
CA ILE A 159 -16.76 -14.67 11.94
C ILE A 159 -15.41 -14.61 12.66
N GLN A 160 -15.32 -13.80 13.70
CA GLN A 160 -14.10 -13.74 14.50
C GLN A 160 -13.82 -15.04 15.25
N ALA A 161 -14.87 -15.63 15.82
CA ALA A 161 -14.74 -16.91 16.53
C ALA A 161 -14.20 -17.99 15.61
N LEU A 162 -14.74 -18.06 14.39
CA LEU A 162 -14.24 -18.99 13.40
C LEU A 162 -12.79 -18.71 13.08
N ASP A 163 -12.47 -17.43 12.87
CA ASP A 163 -11.12 -17.01 12.54
C ASP A 163 -10.15 -17.51 13.59
N VAL A 164 -10.55 -17.43 14.86
CA VAL A 164 -9.70 -17.87 15.96
C VAL A 164 -9.49 -19.37 15.89
N VAL A 165 -10.50 -20.11 15.46
CA VAL A 165 -10.37 -21.56 15.35
C VAL A 165 -9.36 -21.92 14.27
N MET A 166 -9.47 -21.29 13.11
CA MET A 166 -8.66 -21.66 11.96
C MET A 166 -7.17 -21.32 12.14
N ARG A 167 -6.88 -20.29 12.92
CA ARG A 167 -5.51 -19.79 13.05
C ARG A 167 -4.95 -20.00 14.45
N HIS A 168 -5.58 -20.88 15.21
CA HIS A 168 -5.06 -21.25 16.52
C HIS A 168 -3.78 -22.06 16.38
N LEU A 169 -3.82 -23.10 15.54
CA LEU A 169 -2.66 -23.98 15.38
C LEU A 169 -1.52 -23.29 14.64
N PRO A 170 -1.80 -22.60 13.53
CA PRO A 170 -0.72 -21.86 12.87
C PRO A 170 -0.07 -20.79 13.76
N SER A 171 -0.79 -20.27 14.75
CA SER A 171 -0.23 -19.26 15.65
C SER A 171 0.84 -19.85 16.56
N MET A 172 0.68 -21.13 16.93
CA MET A 172 1.66 -21.81 17.78
C MET A 172 2.85 -22.25 16.93
N ARG A 173 2.56 -22.66 15.70
CA ARG A 173 3.55 -23.29 14.84
C ARG A 173 4.50 -22.30 14.18
N TYR A 174 3.94 -21.21 13.66
CA TYR A 174 4.69 -20.27 12.85
C TYR A 174 4.79 -18.91 13.52
N THR A 175 5.36 -17.95 12.79
CA THR A 175 5.46 -16.56 13.22
C THR A 175 4.31 -15.75 12.61
N PRO A 176 3.30 -15.39 13.42
CA PRO A 176 2.18 -14.64 12.85
C PRO A 176 2.53 -13.19 12.55
N VAL A 177 2.04 -12.69 11.43
CA VAL A 177 2.17 -11.27 11.09
C VAL A 177 0.87 -10.81 10.50
N GLY A 178 0.11 -10.03 11.26
CA GLY A 178 -1.22 -9.65 10.86
C GLY A 178 -2.05 -10.89 10.65
N ARG A 179 -2.58 -11.04 9.44
CA ARG A 179 -3.40 -12.20 9.10
C ARG A 179 -2.60 -13.28 8.36
N SER A 180 -1.28 -13.16 8.38
CA SER A 180 -0.41 -14.10 7.70
C SER A 180 0.47 -14.90 8.67
N PHE A 181 1.19 -15.87 8.13
CA PHE A 181 2.08 -16.73 8.91
C PHE A 181 3.37 -16.94 8.15
N PHE A 182 4.49 -16.89 8.86
CA PHE A 182 5.80 -17.00 8.22
C PHE A 182 6.76 -17.87 9.01
N THR A 183 7.76 -18.39 8.31
CA THR A 183 8.86 -19.13 8.94
C THR A 183 10.16 -18.90 8.18
N ALA A 184 11.28 -19.11 8.87
CA ALA A 184 12.59 -19.07 8.23
C ALA A 184 12.84 -20.37 7.49
N SER A 185 13.30 -20.27 6.25
CA SER A 185 13.55 -21.45 5.42
C SER A 185 14.93 -22.03 5.72
N SER A 189 19.63 -17.28 3.85
CA SER A 189 19.21 -18.20 2.80
C SER A 189 18.60 -17.44 1.63
N ASN A 190 17.93 -16.33 1.97
CA ASN A 190 17.36 -15.43 0.97
C ASN A 190 17.61 -13.97 1.36
N PRO A 191 18.88 -13.55 1.29
CA PRO A 191 19.22 -12.20 1.74
C PRO A 191 18.85 -11.10 0.74
N LEU A 192 18.42 -9.97 1.28
CA LEU A 192 18.22 -8.76 0.50
C LEU A 192 19.38 -7.80 0.73
N GLY A 193 20.29 -8.19 1.62
CA GLY A 193 21.37 -7.33 2.04
C GLY A 193 20.89 -6.35 3.08
N GLY A 194 21.82 -5.56 3.63
CA GLY A 194 21.48 -4.56 4.62
C GLY A 194 20.86 -5.14 5.87
N GLY A 195 21.16 -6.40 6.16
CA GLY A 195 20.67 -7.05 7.36
C GLY A 195 19.22 -7.53 7.24
N ARG A 196 18.80 -7.88 6.02
CA ARG A 196 17.42 -8.25 5.76
C ARG A 196 17.30 -9.58 4.99
N GLU A 197 16.14 -10.22 5.14
CA GLU A 197 15.87 -11.53 4.56
C GLU A 197 14.47 -11.60 4.00
N VAL A 198 14.23 -12.55 3.11
CA VAL A 198 12.88 -12.87 2.64
C VAL A 198 12.38 -14.16 3.29
N TRP A 199 11.32 -14.03 4.07
CA TRP A 199 10.65 -15.19 4.64
C TRP A 199 9.38 -15.48 3.84
N PHE A 200 9.15 -16.76 3.57
CA PHE A 200 7.96 -17.17 2.84
C PHE A 200 6.91 -17.65 3.82
N GLY A 201 5.66 -17.55 3.41
CA GLY A 201 4.55 -17.88 4.27
C GLY A 201 3.24 -17.85 3.50
N PHE A 202 2.16 -17.64 4.23
CA PHE A 202 0.84 -17.59 3.61
C PHE A 202 -0.11 -16.67 4.36
N HIS A 203 -1.04 -16.08 3.62
CA HIS A 203 -2.15 -15.34 4.21
C HIS A 203 -3.30 -16.30 4.49
N GLN A 204 -4.06 -16.00 5.53
CA GLN A 204 -5.24 -16.78 5.89
C GLN A 204 -6.34 -15.86 6.42
N SER A 205 -7.55 -16.05 5.93
CA SER A 205 -8.70 -15.31 6.44
C SER A 205 -10.01 -16.05 6.16
N VAL A 206 -10.94 -15.90 7.09
CA VAL A 206 -12.28 -16.48 6.99
C VAL A 206 -13.23 -15.41 6.48
N ARG A 207 -13.90 -15.69 5.37
CA ARG A 207 -14.65 -14.66 4.66
C ARG A 207 -16.08 -15.08 4.34
N PRO A 208 -17.04 -14.13 4.46
CA PRO A 208 -18.42 -14.43 4.10
C PRO A 208 -18.69 -14.26 2.61
N SER A 209 -19.48 -15.19 2.08
CA SER A 209 -19.99 -15.09 0.74
C SER A 209 -21.41 -15.63 0.76
N LEU A 210 -22.12 -15.53 -0.35
CA LEU A 210 -23.48 -16.04 -0.37
C LEU A 210 -23.46 -17.56 -0.18
N TRP A 211 -24.27 -18.07 0.73
CA TRP A 211 -24.44 -19.50 0.83
C TRP A 211 -23.12 -20.20 1.00
N LYS A 212 -22.18 -19.56 1.68
CA LYS A 212 -20.97 -20.24 2.15
C LYS A 212 -20.03 -19.37 2.98
N MET A 213 -19.35 -20.02 3.92
CA MET A 213 -18.14 -19.47 4.51
C MET A 213 -16.97 -19.90 3.62
N MET A 214 -16.04 -18.97 3.38
CA MET A 214 -14.88 -19.24 2.54
C MET A 214 -13.58 -19.07 3.33
N LEU A 215 -12.63 -19.95 3.07
CA LEU A 215 -11.28 -19.78 3.61
C LEU A 215 -10.37 -19.26 2.50
N ASN A 216 -9.97 -18.00 2.65
CA ASN A 216 -9.07 -17.35 1.70
C ASN A 216 -7.62 -17.69 2.06
N ILE A 217 -6.94 -18.35 1.13
CA ILE A 217 -5.55 -18.80 1.33
C ILE A 217 -4.69 -18.30 0.18
N ASP A 218 -3.61 -17.59 0.50
CA ASP A 218 -2.67 -17.11 -0.51
C ASP A 218 -1.25 -17.24 0.00
N VAL A 219 -0.32 -17.54 -0.90
CA VAL A 219 1.09 -17.57 -0.56
C VAL A 219 1.58 -16.14 -0.40
N SER A 220 2.54 -15.94 0.50
CA SER A 220 3.02 -14.59 0.80
C SER A 220 4.51 -14.59 1.11
N ALA A 221 5.12 -13.42 0.94
CA ALA A 221 6.52 -13.22 1.26
C ALA A 221 6.69 -11.82 1.82
N THR A 222 7.56 -11.67 2.82
CA THR A 222 7.81 -10.37 3.43
C THR A 222 9.23 -10.27 3.98
N ALA A 223 9.65 -9.04 4.28
CA ALA A 223 11.02 -8.78 4.70
C ALA A 223 11.19 -8.94 6.22
N PHE A 224 12.22 -9.67 6.61
CA PHE A 224 12.58 -9.85 8.02
C PHE A 224 14.03 -9.45 8.25
N TYR A 225 14.36 -9.05 9.47
CA TYR A 225 15.75 -8.81 9.84
C TYR A 225 16.43 -10.12 10.16
N LYS A 226 17.65 -10.28 9.67
CA LYS A 226 18.42 -11.50 9.92
C LYS A 226 18.78 -11.59 11.40
N ALA A 227 18.63 -12.79 11.96
CA ALA A 227 19.07 -13.04 13.32
C ALA A 227 20.58 -13.21 13.32
N GLN A 228 21.29 -12.14 13.67
CA GLN A 228 22.74 -12.13 13.63
C GLN A 228 23.30 -11.19 14.69
N PRO A 229 24.60 -11.33 15.00
CA PRO A 229 25.23 -10.35 15.88
C PRO A 229 25.10 -8.93 15.34
N VAL A 230 24.92 -7.95 16.23
CA VAL A 230 24.75 -6.56 15.83
C VAL A 230 25.98 -6.07 15.08
N ILE A 231 27.14 -6.61 15.45
CA ILE A 231 28.39 -6.27 14.75
C ILE A 231 28.27 -6.58 13.27
N GLU A 232 27.77 -7.77 12.94
CA GLU A 232 27.59 -8.17 11.55
C GLU A 232 26.51 -7.33 10.89
N PHE A 233 25.49 -6.97 11.67
CA PHE A 233 24.43 -6.08 11.21
C PHE A 233 25.02 -4.72 10.86
N VAL A 234 25.94 -4.22 11.69
CA VAL A 234 26.65 -2.98 11.40
C VAL A 234 27.42 -3.08 10.09
N CYS A 235 28.02 -4.24 9.84
CA CYS A 235 28.79 -4.48 8.62
C CYS A 235 27.92 -4.46 7.37
N GLU A 236 26.80 -5.19 7.43
CA GLU A 236 25.90 -5.28 6.28
C GLU A 236 25.24 -3.93 6.00
N VAL A 237 24.96 -3.17 7.05
CA VAL A 237 24.32 -1.86 6.90
C VAL A 237 25.29 -0.81 6.38
N LEU A 238 26.55 -0.89 6.83
CA LEU A 238 27.57 0.07 6.44
C LEU A 238 28.49 -0.46 5.34
N ASP A 239 28.11 -1.59 4.74
CA ASP A 239 28.88 -2.21 3.66
C ASP A 239 30.33 -2.51 4.05
N PHE A 240 30.52 -3.26 5.11
CA PHE A 240 31.83 -3.61 5.57
C PHE A 240 31.94 -5.05 5.23
N LYS A 241 33.03 -5.47 4.63
CA LYS A 241 33.31 -6.88 4.53
C LYS A 241 33.63 -7.47 5.88
N SER A 242 34.35 -6.71 6.68
CA SER A 242 34.77 -7.14 8.00
C SER A 242 34.71 -5.94 8.91
N ILE A 243 34.38 -6.16 10.16
CA ILE A 243 34.33 -5.08 11.11
C ILE A 243 35.74 -4.57 11.33
N GLU A 244 36.73 -5.39 11.02
CA GLU A 244 38.11 -5.03 11.22
C GLU A 244 38.55 -3.82 10.42
N GLU A 245 38.09 -3.71 9.18
CA GLU A 245 38.25 -2.48 8.43
C GLU A 245 37.33 -1.57 9.17
N GLN A 246 37.51 -0.26 9.10
CA GLN A 246 36.76 0.60 10.01
C GLN A 246 37.13 0.28 11.46
N GLN A 247 38.41 0.49 11.75
CA GLN A 247 39.07 0.21 13.02
C GLN A 247 39.06 1.44 13.90
N LYS A 248 38.24 2.39 13.53
CA LYS A 248 38.18 3.67 14.17
C LYS A 248 36.72 3.98 14.46
N PRO A 249 36.48 5.03 15.36
CA PRO A 249 35.06 5.33 15.57
C PRO A 249 34.30 5.75 14.35
N LEU A 250 33.01 5.44 14.34
CA LEU A 250 32.18 5.77 13.20
C LEU A 250 32.14 7.27 12.95
N THR A 251 31.98 7.66 11.69
CA THR A 251 31.70 9.05 11.36
C THR A 251 30.30 9.37 11.85
N ASP A 252 29.91 10.64 11.80
CA ASP A 252 28.58 11.02 12.23
C ASP A 252 27.52 10.46 11.28
N SER A 253 27.82 10.48 10.00
CA SER A 253 26.89 9.96 8.99
C SER A 253 26.78 8.44 9.10
N GLN A 254 27.91 7.77 9.30
CA GLN A 254 27.92 6.33 9.51
C GLN A 254 27.07 5.97 10.72
N ARG A 255 27.28 6.70 11.81
CA ARG A 255 26.62 6.42 13.08
C ARG A 255 25.11 6.55 13.00
N VAL A 256 24.64 7.70 12.52
CA VAL A 256 23.21 7.97 12.53
C VAL A 256 22.48 7.10 11.49
N LYS A 257 23.16 6.78 10.39
CA LYS A 257 22.59 5.83 9.42
C LYS A 257 22.37 4.48 10.09
N PHE A 258 23.39 4.00 10.80
CA PHE A 258 23.27 2.77 11.57
C PHE A 258 22.16 2.91 12.61
N THR A 259 22.02 4.11 13.17
CA THR A 259 20.97 4.38 14.15
C THR A 259 19.60 4.17 13.52
N LYS A 260 19.34 4.82 12.38
CA LYS A 260 18.03 4.74 11.72
C LYS A 260 17.65 3.29 11.40
N GLU A 261 18.65 2.44 11.17
CA GLU A 261 18.39 1.06 10.80
C GLU A 261 18.02 0.18 11.99
N ILE A 262 18.75 0.33 13.10
CA ILE A 262 18.56 -0.54 14.25
C ILE A 262 17.57 0.04 15.27
N LYS A 263 17.29 1.33 15.16
CA LYS A 263 16.38 2.01 16.09
C LYS A 263 14.99 1.40 16.04
N GLY A 264 14.50 0.96 17.20
CA GLY A 264 13.19 0.36 17.31
C GLY A 264 13.21 -1.16 17.22
N LEU A 265 14.34 -1.70 16.79
CA LEU A 265 14.49 -3.15 16.70
C LEU A 265 14.84 -3.74 18.06
N LYS A 266 14.45 -4.99 18.27
CA LYS A 266 14.78 -5.67 19.50
C LYS A 266 16.11 -6.42 19.37
N VAL A 267 16.90 -6.39 20.43
CA VAL A 267 18.12 -7.18 20.50
C VAL A 267 18.07 -8.07 21.74
N GLU A 268 18.90 -9.09 21.76
CA GLU A 268 18.99 -9.95 22.91
C GLU A 268 20.42 -10.06 23.38
N ILE A 269 20.61 -10.28 24.67
CA ILE A 269 21.95 -10.34 25.21
C ILE A 269 22.38 -11.76 25.20
N THR A 270 23.50 -11.99 24.57
CA THR A 270 24.11 -13.29 24.50
C THR A 270 24.50 -13.77 25.90
N HIS A 271 25.01 -12.84 26.70
CA HIS A 271 25.37 -13.05 28.11
C HIS A 271 25.04 -14.33 28.76
N ARG A 277 18.24 -12.30 27.75
CA ARG A 277 17.43 -11.13 28.07
C ARG A 277 17.26 -10.26 26.83
N LYS A 278 16.00 -9.92 26.51
CA LYS A 278 15.67 -9.16 25.31
C LYS A 278 15.42 -7.69 25.64
N TYR A 279 15.82 -6.81 24.73
CA TYR A 279 15.67 -5.37 24.93
C TYR A 279 15.16 -4.70 23.65
N ARG A 280 14.64 -3.48 23.81
CA ARG A 280 14.21 -2.65 22.69
C ARG A 280 15.18 -1.48 22.52
N VAL A 281 15.84 -1.42 21.37
CA VAL A 281 16.76 -0.33 21.07
C VAL A 281 15.97 0.97 20.85
N CYS A 282 16.27 1.98 21.64
CA CYS A 282 15.61 3.29 21.52
C CYS A 282 16.55 4.33 20.92
N ASN A 283 17.85 4.07 20.96
CA ASN A 283 18.83 4.98 20.36
C ASN A 283 20.23 4.36 20.33
N VAL A 284 21.10 4.96 19.51
CA VAL A 284 22.52 4.62 19.48
C VAL A 284 23.31 5.79 20.06
N THR A 285 24.23 5.49 20.98
CA THR A 285 25.01 6.54 21.64
C THR A 285 25.95 7.21 20.66
N ARG A 286 26.33 8.44 20.97
CA ARG A 286 27.21 9.21 20.10
C ARG A 286 28.64 8.91 20.48
N ARG A 287 28.85 8.60 21.76
CA ARG A 287 30.16 8.31 22.29
C ARG A 287 30.46 6.81 22.16
N PRO A 288 31.75 6.45 22.02
CA PRO A 288 32.10 5.02 22.00
C PRO A 288 31.98 4.40 23.40
N ALA A 289 31.95 3.07 23.46
CA ALA A 289 31.77 2.36 24.72
C ALA A 289 32.86 2.70 25.74
N SER A 290 34.03 3.09 25.25
CA SER A 290 35.17 3.43 26.09
C SER A 290 34.94 4.72 26.89
N HIS A 291 34.07 5.58 26.39
CA HIS A 291 33.86 6.91 26.97
C HIS A 291 32.40 7.18 27.31
N GLN A 292 31.49 6.33 26.83
CA GLN A 292 30.08 6.45 27.18
C GLN A 292 29.85 6.07 28.63
N THR A 293 29.15 6.93 29.37
CA THR A 293 28.98 6.74 30.82
C THR A 293 27.54 6.71 31.27
N PHE A 294 27.34 6.15 32.46
CA PHE A 294 26.04 6.10 33.11
C PHE A 294 26.26 6.26 34.62
N PRO A 295 25.24 6.74 35.35
CA PRO A 295 25.38 6.89 36.80
C PRO A 295 25.30 5.55 37.53
N LEU A 296 26.33 5.24 38.31
CA LEU A 296 26.44 3.98 39.03
C LEU A 296 26.49 4.24 40.53
N GLN A 297 25.53 3.68 41.27
CA GLN A 297 25.48 3.89 42.71
C GLN A 297 26.39 2.92 43.45
N GLN A 298 27.30 3.46 44.26
CA GLN A 298 28.21 2.67 45.07
C GLN A 298 27.56 2.33 46.41
N GLU A 299 28.23 1.48 47.19
CA GLU A 299 27.68 1.01 48.46
C GLU A 299 27.61 2.12 49.49
N SER A 300 28.34 3.20 49.25
CA SER A 300 28.26 4.37 50.11
C SER A 300 26.96 5.12 49.87
N GLY A 301 26.29 4.81 48.75
CA GLY A 301 25.08 5.49 48.36
C GLY A 301 25.36 6.61 47.37
N GLN A 302 26.63 7.01 47.29
CA GLN A 302 27.04 8.03 46.35
C GLN A 302 27.09 7.46 44.93
N THR A 303 26.51 8.20 43.99
CA THR A 303 26.51 7.79 42.59
C THR A 303 27.70 8.41 41.85
N VAL A 304 28.33 7.63 40.98
CA VAL A 304 29.45 8.10 40.18
C VAL A 304 29.24 7.70 38.72
N GLU A 305 29.82 8.46 37.80
CA GLU A 305 29.72 8.14 36.39
C GLU A 305 30.74 7.07 36.01
N CYS A 306 30.23 5.94 35.53
CA CYS A 306 31.06 4.81 35.12
C CYS A 306 30.93 4.58 33.63
N THR A 307 32.03 4.21 32.98
CA THR A 307 32.00 3.94 31.54
C THR A 307 31.47 2.54 31.28
N VAL A 308 30.84 2.35 30.12
CA VAL A 308 30.32 1.05 29.75
C VAL A 308 31.45 0.03 29.66
N ALA A 309 32.58 0.45 29.12
CA ALA A 309 33.73 -0.43 28.97
C ALA A 309 34.23 -0.91 30.34
N GLN A 310 34.31 0.02 31.29
CA GLN A 310 34.81 -0.30 32.63
C GLN A 310 33.82 -1.18 33.37
N TYR A 311 32.53 -0.89 33.22
CA TYR A 311 31.50 -1.64 33.92
C TYR A 311 31.48 -3.10 33.47
N PHE A 312 31.56 -3.31 32.16
CA PHE A 312 31.58 -4.67 31.62
C PHE A 312 32.86 -5.40 31.96
N LYS A 313 33.92 -4.65 32.25
CA LYS A 313 35.19 -5.24 32.67
C LYS A 313 35.12 -5.70 34.14
N ASP A 314 34.45 -4.93 34.97
CA ASP A 314 34.32 -5.27 36.39
C ASP A 314 33.19 -6.25 36.64
N ARG A 315 31.99 -5.88 36.23
CA ARG A 315 30.79 -6.66 36.54
C ARG A 315 30.71 -7.99 35.80
N HIS A 316 31.18 -8.02 34.56
CA HIS A 316 31.04 -9.21 33.71
C HIS A 316 32.39 -9.80 33.32
N LYS A 317 33.47 -9.18 33.76
CA LYS A 317 34.82 -9.68 33.50
C LYS A 317 35.05 -9.88 32.01
N LEU A 318 34.52 -8.95 31.21
CA LEU A 318 34.65 -8.98 29.76
C LEU A 318 35.32 -7.70 29.27
N VAL A 319 36.45 -7.85 28.58
CA VAL A 319 37.13 -6.70 27.97
C VAL A 319 36.60 -6.52 26.56
N LEU A 320 35.97 -5.38 26.31
CA LEU A 320 35.37 -5.11 25.01
C LEU A 320 36.41 -5.14 23.90
N ARG A 321 36.08 -5.85 22.82
CA ARG A 321 36.97 -5.99 21.69
C ARG A 321 36.86 -4.80 20.75
N TYR A 322 35.69 -4.16 20.75
CA TYR A 322 35.45 -2.99 19.90
C TYR A 322 34.94 -1.81 20.73
N PRO A 323 35.77 -1.33 21.66
CA PRO A 323 35.36 -0.22 22.53
C PRO A 323 35.24 1.09 21.77
N HIS A 324 35.78 1.14 20.57
CA HIS A 324 35.75 2.34 19.73
C HIS A 324 34.39 2.52 19.06
N LEU A 325 33.52 1.52 19.18
CA LEU A 325 32.19 1.58 18.58
C LEU A 325 31.16 2.09 19.58
N PRO A 326 30.06 2.67 19.09
CA PRO A 326 29.03 3.19 19.99
C PRO A 326 28.27 2.08 20.70
N CYS A 327 27.31 2.47 21.53
CA CYS A 327 26.48 1.51 22.26
C CYS A 327 25.04 1.62 21.84
N LEU A 328 24.25 0.60 22.18
CA LEU A 328 22.82 0.61 21.96
C LEU A 328 22.11 1.07 23.22
N GLN A 329 21.33 2.14 23.11
CA GLN A 329 20.51 2.58 24.24
C GLN A 329 19.22 1.79 24.22
N VAL A 330 18.91 1.12 25.33
CA VAL A 330 17.74 0.25 25.41
C VAL A 330 16.82 0.60 26.57
N GLY A 331 15.59 0.09 26.50
CA GLY A 331 14.61 0.32 27.56
C GLY A 331 14.23 1.78 27.68
N GLN A 332 13.61 2.13 28.80
CA GLN A 332 13.27 3.52 29.09
C GLN A 332 14.53 4.37 29.13
N GLU A 333 14.46 5.56 28.54
CA GLU A 333 15.62 6.43 28.43
C GLU A 333 16.13 6.88 29.79
N GLN A 334 15.21 7.01 30.74
CA GLN A 334 15.58 7.39 32.10
C GLN A 334 16.56 6.41 32.75
N LYS A 335 16.46 5.13 32.35
CA LYS A 335 17.20 4.06 33.01
C LYS A 335 18.70 4.05 32.66
N HIS A 336 19.06 4.74 31.58
CA HIS A 336 20.46 4.85 31.16
C HIS A 336 21.08 3.47 30.96
N THR A 337 20.39 2.61 30.22
CA THR A 337 20.87 1.26 29.95
C THR A 337 21.59 1.20 28.60
N TYR A 338 22.90 0.97 28.64
CA TYR A 338 23.74 0.92 27.44
C TYR A 338 24.35 -0.46 27.24
N LEU A 339 24.23 -0.97 26.02
CA LEU A 339 24.75 -2.28 25.66
C LEU A 339 25.79 -2.15 24.57
N PRO A 340 27.00 -2.74 24.78
CA PRO A 340 27.97 -2.79 23.69
C PRO A 340 27.41 -3.58 22.49
N LEU A 341 27.86 -3.25 21.29
CA LEU A 341 27.34 -3.91 20.09
C LEU A 341 27.72 -5.38 20.06
N GLU A 342 28.89 -5.71 20.56
CA GLU A 342 29.46 -7.04 20.41
C GLU A 342 28.83 -8.10 21.34
N VAL A 343 27.93 -7.68 22.22
CA VAL A 343 27.24 -8.63 23.12
C VAL A 343 25.76 -8.75 22.78
N CYS A 344 25.36 -8.22 21.63
CA CYS A 344 23.97 -8.23 21.21
C CYS A 344 23.76 -8.93 19.87
N ASN A 345 22.65 -9.65 19.77
CA ASN A 345 22.17 -10.19 18.50
C ASN A 345 20.83 -9.59 18.15
N ILE A 346 20.57 -9.43 16.86
CA ILE A 346 19.23 -9.05 16.41
C ILE A 346 18.29 -10.21 16.69
N VAL A 347 17.20 -9.94 17.39
CA VAL A 347 16.23 -10.97 17.75
C VAL A 347 15.53 -11.50 16.51
N ALA A 348 15.44 -12.82 16.39
CA ALA A 348 14.82 -13.45 15.24
C ALA A 348 13.33 -13.14 15.15
N GLY A 349 12.78 -13.19 13.95
CA GLY A 349 11.35 -13.07 13.74
C GLY A 349 10.83 -11.64 13.67
N GLN A 350 11.73 -10.67 13.49
CA GLN A 350 11.32 -9.27 13.41
C GLN A 350 11.10 -8.84 11.96
N ARG A 351 9.85 -8.54 11.62
CA ARG A 351 9.52 -8.06 10.28
C ARG A 351 10.08 -6.67 10.03
N CYS A 352 10.64 -6.47 8.84
CA CYS A 352 11.09 -5.16 8.41
C CYS A 352 9.91 -4.31 7.94
N ILE A 353 9.73 -3.15 8.55
CA ILE A 353 8.64 -2.24 8.21
C ILE A 353 9.18 -0.99 7.52
N LYS A 354 10.42 -0.62 7.83
CA LYS A 354 11.06 0.54 7.21
C LYS A 354 11.27 0.30 5.71
N LYS A 355 11.18 1.38 4.94
CA LYS A 355 11.24 1.29 3.47
C LYS A 355 12.50 0.59 3.00
N LEU A 356 12.34 -0.32 2.05
CA LEU A 356 13.47 -1.02 1.45
C LEU A 356 14.20 -0.12 0.46
N THR A 357 15.50 -0.36 0.30
CA THR A 357 16.25 0.31 -0.75
C THR A 357 15.75 -0.20 -2.10
N ASP A 358 15.99 0.55 -3.16
CA ASP A 358 15.48 0.19 -4.48
C ASP A 358 15.98 -1.18 -4.93
N ASN A 359 17.20 -1.54 -4.51
CA ASN A 359 17.76 -2.84 -4.86
C ASN A 359 17.18 -3.98 -4.02
N GLN A 360 16.90 -3.69 -2.76
CA GLN A 360 16.25 -4.66 -1.89
C GLN A 360 14.87 -4.99 -2.43
N THR A 361 14.17 -3.95 -2.89
CA THR A 361 12.84 -4.12 -3.47
C THR A 361 12.90 -5.03 -4.69
N SER A 362 13.84 -4.74 -5.59
CA SER A 362 13.98 -5.52 -6.81
C SER A 362 14.24 -6.99 -6.51
N THR A 363 15.24 -7.26 -5.68
CA THR A 363 15.59 -8.63 -5.30
C THR A 363 14.40 -9.35 -4.70
N MET A 364 13.56 -8.61 -3.97
CA MET A 364 12.37 -9.18 -3.35
C MET A 364 11.29 -9.45 -4.39
N ILE A 365 11.08 -8.51 -5.30
CA ILE A 365 10.14 -8.69 -6.41
C ILE A 365 10.48 -9.96 -7.19
N ARG A 366 11.75 -10.08 -7.58
CA ARG A 366 12.21 -11.20 -8.39
C ARG A 366 12.02 -12.54 -7.68
N ALA A 367 12.37 -12.59 -6.40
CA ALA A 367 12.34 -13.82 -5.64
C ALA A 367 10.91 -14.27 -5.31
N THR A 368 9.95 -13.34 -5.42
CA THR A 368 8.59 -13.60 -5.00
C THR A 368 7.60 -13.63 -6.17
N ALA A 369 7.99 -13.00 -7.28
CA ALA A 369 7.13 -12.97 -8.45
C ALA A 369 7.05 -14.35 -9.11
N ARG A 370 5.85 -14.72 -9.53
CA ARG A 370 5.66 -15.97 -10.25
C ARG A 370 4.30 -16.00 -10.96
N SER A 371 4.27 -16.67 -12.11
CA SER A 371 3.10 -16.71 -12.97
C SER A 371 1.85 -17.23 -12.26
N ALA A 372 0.69 -16.91 -12.82
CA ALA A 372 -0.58 -17.33 -12.23
C ALA A 372 -0.67 -18.85 -12.03
N PRO A 373 -0.26 -19.64 -13.05
CA PRO A 373 -0.30 -21.09 -12.84
C PRO A 373 0.61 -21.55 -11.71
N ASP A 374 1.83 -21.00 -11.65
CA ASP A 374 2.76 -21.38 -10.61
C ASP A 374 2.21 -21.02 -9.23
N ARG A 375 1.62 -19.83 -9.11
CA ARG A 375 1.03 -19.42 -7.84
C ARG A 375 -0.15 -20.32 -7.48
N GLN A 376 -0.97 -20.62 -8.48
CA GLN A 376 -2.12 -21.50 -8.26
C GLN A 376 -1.68 -22.85 -7.72
N GLU A 377 -0.55 -23.35 -8.23
CA GLU A 377 -0.01 -24.62 -7.76
C GLU A 377 0.57 -24.52 -6.36
N GLU A 378 1.23 -23.39 -6.06
CA GLU A 378 1.85 -23.23 -4.75
C GLU A 378 0.79 -23.12 -3.67
N ILE A 379 -0.35 -22.55 -3.99
CA ILE A 379 -1.47 -22.54 -3.12
C ILE A 379 -2.02 -23.93 -2.86
N SER A 380 -2.08 -24.73 -3.89
CA SER A 380 -2.52 -26.08 -3.79
C SER A 380 -1.63 -26.89 -2.91
N LYS A 381 -0.34 -26.70 -3.05
CA LYS A 381 0.60 -27.40 -2.23
C LYS A 381 0.39 -27.01 -0.78
N LEU A 382 0.16 -25.75 -0.56
CA LEU A 382 -0.06 -25.23 0.75
C LEU A 382 -1.30 -25.79 1.39
N MET A 383 -2.33 -25.98 0.61
CA MET A 383 -3.52 -26.65 1.08
C MET A 383 -3.22 -28.08 1.47
N ARG A 384 -2.45 -28.79 0.65
CA ARG A 384 -2.10 -30.14 0.98
C ARG A 384 -1.27 -30.18 2.21
N SER A 385 -0.32 -29.27 2.30
CA SER A 385 0.57 -29.23 3.44
C SER A 385 -0.11 -28.86 4.73
N ALA A 386 -0.94 -27.84 4.69
CA ALA A 386 -1.71 -27.43 5.87
C ALA A 386 -2.59 -28.57 6.35
N ASP A 387 -3.36 -29.14 5.42
CA ASP A 387 -4.25 -30.26 5.72
C ASP A 387 -5.19 -29.92 6.88
N PHE A 388 -6.02 -28.89 6.66
CA PHE A 388 -6.89 -28.36 7.71
C PHE A 388 -7.84 -29.41 8.28
N ASN A 389 -8.18 -30.41 7.48
CA ASN A 389 -9.15 -31.40 7.90
C ASN A 389 -8.62 -32.34 8.97
N THR A 390 -7.30 -32.34 9.16
CA THR A 390 -6.67 -33.16 10.20
C THR A 390 -6.21 -32.30 11.37
N ASP A 391 -6.34 -30.98 11.24
CA ASP A 391 -6.07 -30.06 12.33
C ASP A 391 -7.00 -30.41 13.50
N PRO A 392 -6.42 -30.73 14.68
CA PRO A 392 -7.27 -31.16 15.82
C PRO A 392 -8.33 -30.12 16.19
N TYR A 393 -7.96 -28.86 16.17
CA TYR A 393 -8.85 -27.78 16.60
C TYR A 393 -9.97 -27.58 15.58
N VAL A 394 -9.61 -27.63 14.30
CA VAL A 394 -10.60 -27.53 13.23
C VAL A 394 -11.55 -28.73 13.33
N ARG A 395 -10.99 -29.88 13.68
CA ARG A 395 -11.79 -31.08 13.90
C ARG A 395 -12.66 -30.93 15.14
N GLU A 396 -12.08 -30.34 16.19
CA GLU A 396 -12.79 -30.16 17.45
C GLU A 396 -14.07 -29.37 17.24
N PHE A 397 -14.01 -28.35 16.38
CA PHE A 397 -15.16 -27.48 16.15
C PHE A 397 -15.99 -27.94 14.95
N GLY A 398 -15.77 -29.18 14.52
CA GLY A 398 -16.58 -29.81 13.50
C GLY A 398 -16.51 -29.15 12.13
N ILE A 399 -15.49 -28.32 11.92
CA ILE A 399 -15.33 -27.61 10.67
C ILE A 399 -14.65 -28.51 9.63
N MET A 400 -14.97 -28.29 8.37
CA MET A 400 -14.33 -28.97 7.25
C MET A 400 -14.04 -27.98 6.13
N VAL A 401 -12.91 -28.16 5.46
CA VAL A 401 -12.48 -27.26 4.39
C VAL A 401 -12.24 -28.02 3.08
N LYS A 402 -12.98 -27.63 2.05
CA LYS A 402 -12.84 -28.24 0.73
C LYS A 402 -11.45 -27.98 0.17
N ASP A 403 -10.87 -28.99 -0.49
CA ASP A 403 -9.51 -28.89 -0.99
C ASP A 403 -9.48 -28.29 -2.39
N GLU A 404 -10.64 -28.19 -3.03
CA GLU A 404 -10.76 -27.61 -4.35
C GLU A 404 -10.95 -26.10 -4.27
N MET A 405 -10.28 -25.37 -5.15
CA MET A 405 -10.56 -23.95 -5.33
C MET A 405 -11.99 -23.79 -5.81
N THR A 406 -12.68 -22.79 -5.28
CA THR A 406 -14.05 -22.49 -5.67
C THR A 406 -14.12 -22.16 -7.16
N ASP A 407 -15.06 -22.79 -7.86
CA ASP A 407 -15.31 -22.45 -9.25
C ASP A 407 -16.17 -21.20 -9.31
N VAL A 408 -15.79 -20.28 -10.19
CA VAL A 408 -16.51 -19.02 -10.35
C VAL A 408 -16.62 -18.65 -11.83
N THR A 409 -17.79 -18.21 -12.23
CA THR A 409 -18.01 -17.70 -13.58
C THR A 409 -17.72 -16.20 -13.62
N GLY A 410 -16.72 -15.82 -14.39
CA GLY A 410 -16.38 -14.42 -14.57
C GLY A 410 -16.96 -13.90 -15.87
N ARG A 411 -16.86 -12.59 -16.07
CA ARG A 411 -17.37 -11.95 -17.29
C ARG A 411 -16.36 -10.94 -17.81
N VAL A 412 -15.83 -11.19 -19.01
CA VAL A 412 -14.85 -10.31 -19.62
C VAL A 412 -15.57 -9.16 -20.33
N LEU A 413 -15.57 -8.00 -19.70
CA LEU A 413 -16.22 -6.82 -20.24
C LEU A 413 -15.54 -6.34 -21.50
N GLN A 414 -16.34 -5.81 -22.43
CA GLN A 414 -15.81 -5.19 -23.64
C GLN A 414 -15.13 -3.88 -23.28
N PRO A 415 -13.92 -3.62 -23.82
CA PRO A 415 -13.25 -2.35 -23.53
C PRO A 415 -13.81 -1.18 -24.34
N PRO A 416 -13.60 0.05 -23.86
CA PRO A 416 -14.04 1.22 -24.63
C PRO A 416 -13.16 1.47 -25.84
N SER A 417 -13.68 2.18 -26.83
CA SER A 417 -12.87 2.66 -27.93
C SER A 417 -12.20 3.97 -27.52
N ILE A 418 -10.98 4.18 -27.93
CA ILE A 418 -10.25 5.37 -27.57
C ILE A 418 -10.11 6.26 -28.78
N LEU A 419 -10.68 7.45 -28.72
CA LEU A 419 -10.67 8.33 -29.84
C LEU A 419 -9.48 9.24 -29.84
N TYR A 420 -8.67 9.15 -30.88
CA TYR A 420 -7.55 10.04 -31.08
C TYR A 420 -7.92 11.18 -32.03
N GLY A 421 -6.99 12.06 -32.29
CA GLY A 421 -7.25 13.16 -33.19
C GLY A 421 -6.30 13.29 -34.37
N GLY A 422 -5.67 14.43 -34.47
CA GLY A 422 -4.78 14.70 -35.58
C GLY A 422 -5.53 14.84 -36.89
N ARG A 423 -4.82 14.66 -37.99
CA ARG A 423 -5.45 14.62 -39.29
C ARG A 423 -6.41 13.46 -39.43
N ASN A 424 -5.95 12.29 -38.97
CA ASN A 424 -6.66 11.02 -39.01
C ASN A 424 -7.93 10.84 -38.16
N LYS A 425 -7.93 11.37 -36.94
CA LYS A 425 -9.04 11.15 -36.04
C LYS A 425 -9.25 9.68 -35.70
N ALA A 426 -8.16 8.94 -35.54
CA ALA A 426 -8.19 7.49 -35.44
C ALA A 426 -8.79 6.98 -34.18
N ILE A 427 -9.36 5.79 -34.23
CA ILE A 427 -9.89 5.16 -33.06
C ILE A 427 -9.11 3.91 -32.71
N ALA A 428 -8.63 3.83 -31.48
CA ALA A 428 -7.92 2.66 -31.02
C ALA A 428 -8.86 1.72 -30.34
N THR A 429 -8.69 0.45 -30.61
CA THR A 429 -9.43 -0.61 -29.94
C THR A 429 -8.47 -1.39 -29.04
N PRO A 430 -8.58 -1.21 -27.71
CA PRO A 430 -7.67 -1.94 -26.82
C PRO A 430 -7.74 -3.46 -26.99
N VAL A 431 -6.58 -4.08 -27.13
CA VAL A 431 -6.48 -5.54 -27.22
C VAL A 431 -5.66 -6.05 -26.04
N GLN A 432 -6.27 -6.91 -25.24
CA GLN A 432 -5.66 -7.43 -24.01
C GLN A 432 -5.29 -6.29 -23.07
N GLY A 433 -6.13 -5.26 -22.99
CA GLY A 433 -5.90 -4.14 -22.12
C GLY A 433 -4.76 -3.24 -22.57
N VAL A 434 -4.41 -3.33 -23.86
CA VAL A 434 -3.30 -2.56 -24.41
C VAL A 434 -3.64 -2.03 -25.80
N TRP A 435 -3.10 -0.85 -26.12
CA TRP A 435 -3.15 -0.30 -27.47
C TRP A 435 -1.95 0.59 -27.68
N ASP A 436 -1.88 1.24 -28.84
CA ASP A 436 -0.73 2.07 -29.17
C ASP A 436 -1.15 3.28 -30.01
N MET A 437 -0.16 4.04 -30.49
CA MET A 437 -0.41 5.28 -31.22
C MET A 437 0.16 5.27 -32.64
N ARG A 438 0.43 4.07 -33.17
CA ARG A 438 0.88 3.96 -34.55
C ARG A 438 -0.22 4.47 -35.49
N ASN A 439 0.13 5.45 -36.32
CA ASN A 439 -0.84 6.11 -37.20
C ASN A 439 -1.96 6.78 -36.42
N LYS A 440 -1.63 7.30 -35.24
CA LYS A 440 -2.59 8.05 -34.43
C LYS A 440 -1.94 9.31 -33.87
N GLN A 441 -2.75 10.34 -33.66
CA GLN A 441 -2.29 11.62 -33.15
C GLN A 441 -3.24 12.13 -32.07
N PHE A 442 -2.69 12.88 -31.11
CA PHE A 442 -3.45 13.34 -29.95
C PHE A 442 -4.79 13.99 -30.31
N HIS A 443 -5.76 13.85 -29.42
CA HIS A 443 -7.07 14.47 -29.59
C HIS A 443 -6.91 15.97 -29.82
N THR A 444 -6.25 16.63 -28.87
CA THR A 444 -5.82 18.01 -29.05
C THR A 444 -4.34 18.12 -28.68
N GLY A 445 -3.48 17.98 -29.67
CA GLY A 445 -2.04 18.04 -29.45
C GLY A 445 -1.54 19.46 -29.37
N ILE A 446 -0.77 19.76 -28.33
CA ILE A 446 -0.23 21.10 -28.12
C ILE A 446 0.86 21.40 -29.15
N GLU A 447 0.65 22.47 -29.91
CA GLU A 447 1.65 22.94 -30.85
C GLU A 447 2.73 23.71 -30.10
N ILE A 448 3.83 23.02 -29.79
CA ILE A 448 4.91 23.60 -28.98
C ILE A 448 5.90 24.34 -29.87
N LYS A 449 6.16 25.60 -29.54
CA LYS A 449 7.03 26.46 -30.34
C LYS A 449 8.29 26.86 -29.58
N VAL A 450 8.12 27.18 -28.29
CA VAL A 450 9.22 27.63 -27.45
C VAL A 450 9.38 26.71 -26.24
N TRP A 451 10.62 26.37 -25.93
CA TRP A 451 10.93 25.41 -24.87
C TRP A 451 12.42 25.39 -24.57
N ALA A 452 12.78 25.00 -23.35
CA ALA A 452 14.17 25.03 -22.91
C ALA A 452 14.64 23.69 -22.35
N ILE A 453 15.96 23.51 -22.31
CA ILE A 453 16.58 22.31 -21.77
C ILE A 453 17.57 22.67 -20.66
N ALA A 454 17.50 21.96 -19.54
CA ALA A 454 18.39 22.19 -18.40
C ALA A 454 18.99 20.87 -17.94
N CYS A 455 20.22 20.60 -18.37
CA CYS A 455 20.86 19.32 -18.11
C CYS A 455 21.75 19.36 -16.86
N PHE A 456 21.37 18.57 -15.85
CA PHE A 456 22.12 18.53 -14.60
C PHE A 456 23.10 17.36 -14.56
N ALA A 457 23.17 16.61 -15.66
CA ALA A 457 24.21 15.61 -15.83
C ALA A 457 25.47 16.28 -16.36
N PRO A 458 26.66 15.81 -15.94
CA PRO A 458 27.87 16.40 -16.51
C PRO A 458 28.02 16.06 -17.98
N GLN A 459 28.36 17.05 -18.81
CA GLN A 459 28.50 16.82 -20.24
C GLN A 459 29.62 15.83 -20.54
N ARG A 460 30.45 15.58 -19.53
CA ARG A 460 31.43 14.50 -19.58
C ARG A 460 30.76 13.19 -19.97
N GLN A 461 29.49 13.06 -19.61
CA GLN A 461 28.69 11.87 -19.91
C GLN A 461 27.54 12.21 -20.85
N CYS A 462 27.13 13.48 -20.86
CA CYS A 462 26.00 13.93 -21.67
C CYS A 462 26.41 15.10 -22.56
N THR A 463 27.34 14.85 -23.48
CA THR A 463 27.80 15.85 -24.43
C THR A 463 26.66 16.44 -25.24
N GLU A 464 26.92 17.56 -25.92
CA GLU A 464 25.93 18.17 -26.80
C GLU A 464 25.53 17.22 -27.92
N VAL A 465 26.35 16.19 -28.13
CA VAL A 465 26.03 15.11 -29.06
C VAL A 465 24.68 14.49 -28.71
N HIS A 466 24.52 14.14 -27.45
CA HIS A 466 23.32 13.45 -26.99
C HIS A 466 22.10 14.36 -27.03
N LEU A 467 22.27 15.61 -26.60
CA LEU A 467 21.16 16.55 -26.50
C LEU A 467 20.51 16.83 -27.85
N LYS A 468 21.33 17.02 -28.88
CA LYS A 468 20.82 17.36 -30.20
C LYS A 468 20.23 16.13 -30.91
N SER A 469 20.76 14.95 -30.61
CA SER A 469 20.20 13.71 -31.14
C SER A 469 18.96 13.34 -30.35
N PHE A 470 18.99 13.62 -29.05
CA PHE A 470 17.82 13.42 -28.20
C PHE A 470 16.70 14.33 -28.69
N THR A 471 17.05 15.56 -29.01
CA THR A 471 16.09 16.53 -29.53
C THR A 471 15.55 16.07 -30.88
N GLU A 472 16.44 15.60 -31.75
CA GLU A 472 16.07 15.18 -33.09
C GLU A 472 15.10 14.01 -33.06
N GLN A 473 15.44 12.99 -32.28
CA GLN A 473 14.59 11.81 -32.16
C GLN A 473 13.28 12.16 -31.47
N LEU A 474 13.37 12.99 -30.42
CA LEU A 474 12.19 13.38 -29.64
C LEU A 474 11.16 14.11 -30.50
N ARG A 475 11.65 14.91 -31.44
CA ARG A 475 10.77 15.73 -32.26
C ARG A 475 10.07 14.92 -33.35
N LYS A 476 10.81 13.99 -33.95
CA LYS A 476 10.23 13.12 -34.97
C LYS A 476 9.09 12.33 -34.37
N ILE A 477 9.33 11.79 -33.18
CA ILE A 477 8.30 11.08 -32.44
C ILE A 477 7.19 12.04 -32.03
N SER A 478 7.56 13.28 -31.70
CA SER A 478 6.60 14.31 -31.33
C SER A 478 5.77 14.73 -32.53
N ARG A 479 6.40 14.85 -33.68
CA ARG A 479 5.70 15.14 -34.93
C ARG A 479 4.65 14.08 -35.21
N ASP A 480 5.05 12.82 -35.04
CA ASP A 480 4.17 11.69 -35.29
C ASP A 480 3.05 11.60 -34.26
N ALA A 481 3.28 12.18 -33.08
CA ALA A 481 2.34 12.03 -31.96
C ALA A 481 1.19 13.03 -32.02
N GLY A 482 1.31 14.03 -32.89
CA GLY A 482 0.31 15.07 -33.01
C GLY A 482 0.59 16.26 -32.11
N MET A 483 1.67 16.17 -31.34
CA MET A 483 2.15 17.27 -30.51
C MET A 483 3.51 17.72 -31.05
N PRO A 484 3.50 18.50 -32.13
CA PRO A 484 4.77 18.82 -32.80
C PRO A 484 5.57 19.92 -32.11
N ILE A 485 6.84 19.64 -31.80
CA ILE A 485 7.73 20.65 -31.26
C ILE A 485 8.45 21.36 -32.41
N GLN A 486 8.08 22.62 -32.64
CA GLN A 486 8.68 23.40 -33.73
C GLN A 486 9.93 24.12 -33.26
N GLY A 487 10.98 24.08 -34.08
CA GLY A 487 12.20 24.82 -33.80
C GLY A 487 13.05 24.21 -32.70
N GLN A 488 14.36 24.43 -32.80
CA GLN A 488 15.31 23.99 -31.76
C GLN A 488 14.97 24.65 -30.43
N PRO A 489 15.41 24.05 -29.31
CA PRO A 489 15.11 24.63 -28.01
C PRO A 489 15.70 26.03 -27.88
N CYS A 490 14.87 26.99 -27.46
CA CYS A 490 15.29 28.37 -27.34
C CYS A 490 16.46 28.53 -26.36
N PHE A 491 16.66 27.51 -25.52
CA PHE A 491 17.66 27.58 -24.46
C PHE A 491 18.14 26.19 -24.09
N CYS A 492 19.45 26.01 -24.00
CA CYS A 492 20.03 24.75 -23.59
C CYS A 492 21.36 24.99 -22.87
N LYS A 493 21.34 24.81 -21.55
CA LYS A 493 22.53 25.00 -20.73
C LYS A 493 22.76 23.84 -19.77
N TYR A 494 24.01 23.71 -19.33
CA TYR A 494 24.36 22.80 -18.25
C TYR A 494 24.18 23.52 -16.91
N ALA A 495 24.13 22.74 -15.84
CA ALA A 495 24.03 23.29 -14.48
C ALA A 495 24.26 22.16 -13.49
N GLN A 496 24.51 22.50 -12.23
CA GLN A 496 24.71 21.49 -11.20
C GLN A 496 24.28 21.97 -9.83
N GLY A 497 23.83 21.03 -8.99
CA GLY A 497 23.39 21.33 -7.64
C GLY A 497 21.96 21.85 -7.61
N ALA A 498 21.19 21.39 -6.62
CA ALA A 498 19.83 21.86 -6.44
C ALA A 498 19.82 23.34 -6.09
N ASP A 499 20.98 23.84 -5.69
CA ASP A 499 21.15 25.24 -5.30
C ASP A 499 20.90 26.18 -6.47
N SER A 500 21.02 25.65 -7.68
CA SER A 500 21.00 26.49 -8.88
C SER A 500 19.69 26.41 -9.67
N VAL A 501 18.74 25.61 -9.18
CA VAL A 501 17.48 25.43 -9.89
C VAL A 501 16.66 26.71 -9.95
N GLU A 502 16.29 27.24 -8.77
CA GLU A 502 15.41 28.39 -8.71
C GLU A 502 15.93 29.59 -9.50
N PRO A 503 17.18 30.02 -9.25
CA PRO A 503 17.66 31.19 -10.01
C PRO A 503 17.72 30.93 -11.52
N MET A 504 18.01 29.70 -11.90
CA MET A 504 17.99 29.32 -13.31
C MET A 504 16.57 29.38 -13.84
N PHE A 505 15.63 28.86 -13.06
CA PHE A 505 14.21 28.92 -13.42
C PHE A 505 13.70 30.36 -13.38
N ARG A 506 14.19 31.15 -12.44
CA ARG A 506 13.83 32.56 -12.37
C ARG A 506 14.22 33.25 -13.66
N HIS A 507 15.46 33.01 -14.08
CA HIS A 507 15.99 33.57 -15.31
C HIS A 507 15.11 33.27 -16.52
N LEU A 508 14.82 31.98 -16.72
CA LEU A 508 14.05 31.51 -17.86
C LEU A 508 12.69 32.21 -18.03
N LYS A 509 11.88 32.21 -16.97
CA LYS A 509 10.54 32.78 -17.04
C LYS A 509 10.58 34.27 -17.37
N ASN A 510 11.66 34.93 -16.98
CA ASN A 510 11.78 36.37 -17.16
C ASN A 510 12.31 36.78 -18.53
N THR A 511 13.04 35.88 -19.18
CA THR A 511 13.74 36.23 -20.42
C THR A 511 13.12 35.62 -21.68
N TYR A 512 12.39 34.51 -21.52
CA TYR A 512 11.75 33.85 -22.65
C TYR A 512 10.23 33.97 -22.59
N ALA A 513 9.68 34.73 -23.54
CA ALA A 513 8.25 34.97 -23.60
C ALA A 513 7.49 33.73 -24.06
N GLY A 514 6.46 33.38 -23.29
CA GLY A 514 5.60 32.26 -23.65
C GLY A 514 6.28 30.91 -23.54
N LEU A 515 7.33 30.83 -22.73
CA LEU A 515 8.03 29.57 -22.50
C LEU A 515 7.07 28.50 -22.00
N GLN A 516 6.96 27.41 -22.75
CA GLN A 516 5.95 26.39 -22.48
C GLN A 516 6.47 25.24 -21.62
N LEU A 517 7.71 24.83 -21.85
CA LEU A 517 8.25 23.65 -21.17
C LEU A 517 9.74 23.78 -20.85
N VAL A 518 10.14 23.18 -19.74
CA VAL A 518 11.55 23.05 -19.37
C VAL A 518 11.90 21.58 -19.18
N VAL A 519 12.62 21.01 -20.15
CA VAL A 519 13.07 19.63 -20.04
C VAL A 519 14.34 19.56 -19.20
N VAL A 520 14.23 18.94 -18.03
CA VAL A 520 15.37 18.78 -17.13
C VAL A 520 15.98 17.40 -17.30
N ILE A 521 17.29 17.33 -17.21
CA ILE A 521 17.98 16.06 -17.33
C ILE A 521 18.71 15.81 -16.05
N LEU A 522 18.61 14.58 -15.57
CA LEU A 522 19.22 14.18 -14.32
C LEU A 522 20.08 12.92 -14.38
N PRO A 523 21.04 12.85 -13.48
CA PRO A 523 21.99 11.74 -13.37
C PRO A 523 21.36 10.49 -12.91
N GLY A 524 20.82 10.55 -11.72
CA GLY A 524 20.14 9.42 -11.12
C GLY A 524 19.29 9.99 -10.02
N LYS A 525 19.32 9.36 -8.87
CA LYS A 525 18.55 9.82 -7.77
C LYS A 525 19.21 11.09 -7.30
N THR A 526 18.52 12.21 -7.33
CA THR A 526 19.12 13.45 -6.88
C THR A 526 18.05 14.29 -6.22
N PRO A 527 18.45 15.09 -5.25
CA PRO A 527 17.56 16.03 -4.59
C PRO A 527 17.24 17.15 -5.54
N VAL A 528 17.88 17.16 -6.70
CA VAL A 528 17.55 18.21 -7.66
C VAL A 528 16.10 18.07 -8.11
N TYR A 529 15.64 16.82 -8.23
CA TYR A 529 14.29 16.55 -8.69
C TYR A 529 13.24 17.22 -7.81
N ALA A 530 13.36 17.04 -6.49
CA ALA A 530 12.43 17.63 -5.54
C ALA A 530 12.42 19.15 -5.68
N GLU A 531 13.60 19.73 -5.90
CA GLU A 531 13.74 21.17 -6.04
C GLU A 531 13.10 21.66 -7.34
N VAL A 532 13.33 20.92 -8.41
CA VAL A 532 12.75 21.25 -9.72
C VAL A 532 11.22 21.30 -9.63
N LYS A 533 10.64 20.35 -8.91
CA LYS A 533 9.20 20.27 -8.79
C LYS A 533 8.66 21.31 -7.82
N ARG A 534 9.41 21.61 -6.77
CA ARG A 534 9.03 22.64 -5.82
C ARG A 534 8.90 23.98 -6.54
N VAL A 535 9.98 24.42 -7.18
CA VAL A 535 10.00 25.68 -7.90
C VAL A 535 9.00 25.67 -9.05
N GLY A 536 8.97 24.58 -9.79
CA GLY A 536 8.12 24.48 -10.97
C GLY A 536 6.63 24.47 -10.65
N ASP A 537 6.23 23.71 -9.64
CA ASP A 537 4.82 23.53 -9.34
C ASP A 537 4.25 24.58 -8.38
N THR A 538 5.05 25.00 -7.41
CA THR A 538 4.54 25.84 -6.33
C THR A 538 5.00 27.30 -6.42
N VAL A 539 6.22 27.53 -6.91
CA VAL A 539 6.80 28.88 -6.92
C VAL A 539 6.47 29.64 -8.21
N LEU A 540 7.12 29.25 -9.31
CA LEU A 540 7.03 29.98 -10.56
C LEU A 540 5.90 29.51 -11.47
N GLY A 541 5.43 28.29 -11.26
CA GLY A 541 4.34 27.75 -12.05
C GLY A 541 4.73 27.43 -13.49
N MET A 542 5.85 26.74 -13.65
CA MET A 542 6.34 26.36 -14.97
C MET A 542 6.31 24.84 -15.15
N ALA A 543 5.80 24.39 -16.29
CA ALA A 543 5.77 22.97 -16.61
C ALA A 543 7.20 22.46 -16.80
N THR A 544 7.52 21.38 -16.08
CA THR A 544 8.85 20.78 -16.14
C THR A 544 8.77 19.27 -16.39
N GLN A 545 9.60 18.79 -17.32
CA GLN A 545 9.66 17.37 -17.64
C GLN A 545 11.07 16.84 -17.41
N CYS A 546 11.23 15.99 -16.40
CA CYS A 546 12.53 15.40 -16.10
C CYS A 546 12.73 14.08 -16.84
N VAL A 547 13.99 13.73 -17.07
CA VAL A 547 14.34 12.48 -17.71
C VAL A 547 15.77 12.12 -17.32
N GLN A 548 16.04 10.86 -17.07
CA GLN A 548 17.36 10.43 -16.70
C GLN A 548 18.38 10.45 -17.82
N MET A 549 19.64 10.55 -17.42
CA MET A 549 20.75 10.59 -18.31
C MET A 549 20.87 9.33 -19.15
N LYS A 550 20.59 8.18 -18.57
CA LYS A 550 20.68 6.96 -19.34
C LYS A 550 19.69 6.97 -20.47
N ASN A 551 18.49 7.42 -20.20
CA ASN A 551 17.47 7.53 -21.22
C ASN A 551 17.78 8.61 -22.25
N VAL A 552 18.51 9.64 -21.84
CA VAL A 552 18.97 10.64 -22.76
C VAL A 552 19.95 10.03 -23.78
N GLN A 553 20.86 9.21 -23.31
CA GLN A 553 21.86 8.64 -24.20
C GLN A 553 21.39 7.70 -25.29
N ARG A 554 20.48 6.84 -24.93
CA ARG A 554 19.87 5.79 -25.74
C ARG A 554 18.36 5.94 -25.76
N THR A 555 17.85 6.46 -26.87
CA THR A 555 16.42 6.75 -27.01
C THR A 555 15.71 5.73 -27.89
N THR A 556 14.63 5.16 -27.35
CA THR A 556 13.76 4.28 -28.11
C THR A 556 12.46 5.03 -28.44
N PRO A 557 11.79 4.64 -29.54
CA PRO A 557 10.56 5.36 -29.92
C PRO A 557 9.45 5.27 -28.87
N GLN A 558 9.30 4.11 -28.24
CA GLN A 558 8.24 3.92 -27.27
C GLN A 558 8.48 4.75 -26.01
N THR A 559 9.73 4.82 -25.58
CA THR A 559 10.10 5.65 -24.43
C THR A 559 9.85 7.11 -24.74
N LEU A 560 10.21 7.52 -25.95
CA LEU A 560 9.99 8.89 -26.38
C LEU A 560 8.50 9.18 -26.49
N SER A 561 7.78 8.25 -27.11
CA SER A 561 6.33 8.39 -27.26
C SER A 561 5.66 8.53 -25.90
N ASN A 562 6.04 7.67 -24.96
CA ASN A 562 5.51 7.73 -23.60
C ASN A 562 5.87 9.05 -22.92
N LEU A 563 7.03 9.60 -23.26
CA LEU A 563 7.45 10.87 -22.70
C LEU A 563 6.59 12.00 -23.25
N CYS A 564 6.18 11.86 -24.50
CA CYS A 564 5.30 12.84 -25.13
C CYS A 564 3.90 12.82 -24.50
N LEU A 565 3.48 11.64 -24.04
CA LEU A 565 2.18 11.50 -23.40
C LEU A 565 2.07 12.43 -22.19
N LYS A 566 3.10 12.40 -21.35
CA LYS A 566 3.15 13.26 -20.17
C LYS A 566 3.24 14.73 -20.56
N ILE A 567 4.21 15.05 -21.41
CA ILE A 567 4.45 16.43 -21.83
C ILE A 567 3.20 17.13 -22.36
N ASN A 568 2.40 16.41 -23.16
CA ASN A 568 1.25 17.00 -23.80
C ASN A 568 0.18 17.45 -22.80
N VAL A 569 -0.04 16.66 -21.75
CA VAL A 569 -1.09 17.00 -20.78
C VAL A 569 -0.62 18.08 -19.82
N LYS A 570 0.69 18.12 -19.55
CA LYS A 570 1.25 19.18 -18.72
C LYS A 570 1.07 20.54 -19.37
N LEU A 571 0.99 20.56 -20.70
CA LEU A 571 0.78 21.80 -21.44
C LEU A 571 -0.69 22.01 -21.79
N GLY A 572 -1.56 21.23 -21.17
CA GLY A 572 -3.00 21.40 -21.31
C GLY A 572 -3.60 20.76 -22.54
N GLY A 573 -2.91 19.78 -23.11
CA GLY A 573 -3.41 19.05 -24.27
C GLY A 573 -4.25 17.86 -23.86
N VAL A 574 -4.94 17.28 -24.84
CA VAL A 574 -5.73 16.07 -24.62
C VAL A 574 -5.15 14.94 -25.48
N ASN A 575 -4.54 13.97 -24.82
CA ASN A 575 -3.94 12.84 -25.52
C ASN A 575 -5.00 12.05 -26.28
N ASN A 576 -6.09 11.74 -25.58
CA ASN A 576 -7.20 10.98 -26.14
C ASN A 576 -8.39 11.03 -25.20
N ILE A 577 -9.54 10.58 -25.68
CA ILE A 577 -10.74 10.52 -24.85
C ILE A 577 -11.50 9.23 -25.14
N LEU A 578 -12.33 8.82 -24.20
CA LEU A 578 -13.24 7.70 -24.41
C LEU A 578 -14.14 8.04 -25.59
N LEU A 579 -14.53 7.05 -26.36
CA LEU A 579 -15.47 7.31 -27.45
C LEU A 579 -16.77 7.77 -26.82
N PRO A 580 -17.18 9.03 -27.09
CA PRO A 580 -18.33 9.60 -26.38
C PRO A 580 -19.61 8.76 -26.46
N GLN A 581 -19.90 8.18 -27.61
CA GLN A 581 -21.12 7.39 -27.77
C GLN A 581 -21.01 6.05 -27.05
N GLY A 582 -19.77 5.56 -26.90
CA GLY A 582 -19.53 4.32 -26.20
C GLY A 582 -19.35 4.51 -24.71
N ARG A 583 -20.19 5.34 -24.12
CA ARG A 583 -20.10 5.67 -22.70
C ARG A 583 -21.36 5.24 -21.96
N PRO A 584 -21.24 4.94 -20.66
CA PRO A 584 -22.43 4.62 -19.86
C PRO A 584 -23.35 5.83 -19.74
N PRO A 585 -24.63 5.59 -19.42
CA PRO A 585 -25.63 6.67 -19.42
C PRO A 585 -25.47 7.66 -18.28
N VAL A 586 -24.53 7.43 -17.37
CA VAL A 586 -24.30 8.36 -16.28
C VAL A 586 -23.83 9.72 -16.82
N PHE A 587 -23.20 9.70 -17.99
CA PHE A 587 -22.70 10.92 -18.62
C PHE A 587 -23.82 11.75 -19.25
N GLN A 588 -25.05 11.27 -19.15
CA GLN A 588 -26.21 11.98 -19.70
C GLN A 588 -26.35 13.37 -19.10
N GLN A 589 -26.22 13.45 -17.78
CA GLN A 589 -26.23 14.73 -17.08
C GLN A 589 -24.86 14.96 -16.43
N PRO A 590 -24.54 16.23 -16.14
CA PRO A 590 -23.22 16.60 -15.59
C PRO A 590 -22.81 15.78 -14.38
N VAL A 591 -21.59 15.22 -14.43
CA VAL A 591 -21.07 14.38 -13.37
C VAL A 591 -19.58 14.66 -13.13
N ILE A 592 -19.18 14.65 -11.86
CA ILE A 592 -17.78 14.83 -11.50
C ILE A 592 -17.24 13.53 -10.88
N PHE A 593 -16.02 13.17 -11.28
CA PHE A 593 -15.38 11.95 -10.80
C PHE A 593 -14.25 12.33 -9.87
N LEU A 594 -14.27 11.77 -8.66
CA LEU A 594 -13.28 12.10 -7.66
C LEU A 594 -12.44 10.87 -7.34
N GLY A 595 -11.17 11.12 -7.02
CA GLY A 595 -10.28 10.09 -6.52
C GLY A 595 -9.63 10.60 -5.25
N ALA A 596 -9.54 9.74 -4.25
CA ALA A 596 -9.00 10.12 -2.95
C ALA A 596 -8.04 9.08 -2.41
N ASP A 597 -6.94 9.56 -1.84
CA ASP A 597 -5.97 8.68 -1.19
C ASP A 597 -5.11 9.48 -0.21
N VAL A 598 -4.53 8.79 0.76
CA VAL A 598 -3.61 9.40 1.72
C VAL A 598 -2.29 8.64 1.77
N THR A 599 -1.19 9.36 1.55
CA THR A 599 0.13 8.77 1.65
C THR A 599 0.68 9.01 3.05
N HIS A 600 1.30 7.99 3.61
CA HIS A 600 1.81 8.06 4.98
C HIS A 600 3.34 8.05 4.99
N PRO A 601 3.95 8.64 6.02
CA PRO A 601 5.40 8.77 6.06
C PRO A 601 6.14 7.47 6.41
N PRO A 602 7.38 7.31 5.94
CA PRO A 602 8.19 6.14 6.35
C PRO A 602 8.59 6.21 7.82
N GLY A 606 8.31 8.84 12.20
CA GLY A 606 7.48 9.57 13.16
C GLY A 606 7.54 11.06 12.94
N LYS A 607 6.58 11.81 13.45
CA LYS A 607 6.73 13.26 13.52
C LYS A 607 6.71 13.91 12.14
N LYS A 608 6.44 13.10 11.11
CA LYS A 608 6.13 13.60 9.78
C LYS A 608 4.64 13.42 9.47
N PRO A 609 4.03 14.41 8.82
CA PRO A 609 2.58 14.33 8.58
C PRO A 609 2.21 13.43 7.40
N SER A 610 0.98 12.90 7.43
CA SER A 610 0.41 12.21 6.29
C SER A 610 -0.13 13.26 5.31
N ILE A 611 -0.21 12.91 4.04
CA ILE A 611 -0.67 13.83 3.01
C ILE A 611 -1.92 13.29 2.32
N ALA A 612 -3.02 14.02 2.46
CA ALA A 612 -4.26 13.68 1.77
C ALA A 612 -4.32 14.36 0.41
N ALA A 613 -4.83 13.64 -0.58
CA ALA A 613 -4.97 14.19 -1.93
C ALA A 613 -6.30 13.78 -2.56
N VAL A 614 -7.01 14.75 -3.10
CA VAL A 614 -8.28 14.51 -3.78
C VAL A 614 -8.27 15.20 -5.13
N VAL A 615 -8.50 14.41 -6.19
CA VAL A 615 -8.56 14.93 -7.55
C VAL A 615 -10.00 14.92 -8.03
N GLY A 616 -10.31 15.78 -9.00
CA GLY A 616 -11.65 15.88 -9.56
C GLY A 616 -11.63 16.15 -11.05
N SER A 617 -12.46 15.42 -11.79
CA SER A 617 -12.56 15.64 -13.23
C SER A 617 -13.13 17.01 -13.53
N MET A 618 -12.60 17.67 -14.56
CA MET A 618 -12.99 19.03 -14.89
C MET A 618 -13.66 19.16 -16.27
N ASP A 619 -13.87 18.03 -16.94
CA ASP A 619 -14.62 18.02 -18.20
C ASP A 619 -15.43 16.73 -18.33
N ALA A 620 -16.12 16.59 -19.46
CA ALA A 620 -17.07 15.49 -19.67
C ALA A 620 -16.49 14.30 -20.42
N HIS A 621 -15.21 14.35 -20.75
CA HIS A 621 -14.59 13.29 -21.54
C HIS A 621 -14.58 11.93 -20.82
N PRO A 622 -14.09 11.86 -19.57
CA PRO A 622 -13.39 12.87 -18.76
C PRO A 622 -11.87 12.71 -18.83
N ASN A 623 -11.16 13.80 -19.08
CA ASN A 623 -9.71 13.77 -19.25
C ASN A 623 -8.96 14.54 -18.17
N ARG A 624 -9.20 15.84 -18.09
CA ARG A 624 -8.44 16.69 -17.17
C ARG A 624 -8.96 16.57 -15.74
N TYR A 625 -8.02 16.45 -14.80
CA TYR A 625 -8.33 16.35 -13.39
C TYR A 625 -7.59 17.43 -12.60
N CYS A 626 -8.32 18.15 -11.75
CA CYS A 626 -7.72 19.15 -10.88
C CYS A 626 -7.41 18.52 -9.53
N ALA A 627 -6.28 18.90 -8.94
CA ALA A 627 -5.81 18.31 -7.69
C ALA A 627 -6.02 19.23 -6.50
N THR A 628 -6.37 18.62 -5.36
CA THR A 628 -6.33 19.29 -4.07
C THR A 628 -5.46 18.44 -3.15
N VAL A 629 -4.74 19.09 -2.24
CA VAL A 629 -3.81 18.38 -1.37
C VAL A 629 -3.76 19.03 0.02
N ARG A 630 -3.73 18.18 1.04
CA ARG A 630 -3.73 18.64 2.43
C ARG A 630 -2.76 17.83 3.28
N VAL A 631 -1.90 18.52 4.03
CA VAL A 631 -1.13 17.88 5.08
C VAL A 631 -2.04 17.69 6.28
N GLN A 632 -1.89 16.58 6.99
CA GLN A 632 -2.71 16.31 8.16
C GLN A 632 -1.96 15.44 9.16
N GLN A 633 -2.66 15.03 10.21
CA GLN A 633 -2.07 14.29 11.32
C GLN A 633 -1.27 13.07 10.84
N HIS A 634 -0.14 12.83 11.51
CA HIS A 634 0.72 11.68 11.25
C HIS A 634 -0.02 10.35 11.29
N ARG A 635 -0.03 9.67 10.15
CA ARG A 635 -0.66 8.35 9.99
C ARG A 635 -2.15 8.40 10.33
N GLN A 636 -2.85 9.40 9.79
CA GLN A 636 -4.31 9.47 9.88
C GLN A 636 -4.89 9.20 8.51
N GLU A 637 -5.54 8.06 8.37
CA GLU A 637 -6.08 7.64 7.08
C GLU A 637 -7.28 8.50 6.69
N ILE A 638 -8.07 8.89 7.69
CA ILE A 638 -9.23 9.72 7.44
C ILE A 638 -8.83 11.09 6.91
N ILE A 639 -9.41 11.48 5.79
CA ILE A 639 -9.15 12.80 5.22
C ILE A 639 -9.93 13.83 6.04
N GLN A 640 -9.21 14.55 6.88
CA GLN A 640 -9.82 15.46 7.84
C GLN A 640 -10.56 16.60 7.13
N ASP A 641 -9.85 17.31 6.27
CA ASP A 641 -10.37 18.52 5.64
C ASP A 641 -11.01 18.22 4.30
N LEU A 642 -11.67 17.07 4.19
CA LEU A 642 -12.22 16.61 2.92
C LEU A 642 -13.31 17.55 2.38
N ALA A 643 -14.18 18.03 3.26
CA ALA A 643 -15.28 18.90 2.84
C ALA A 643 -14.79 20.14 2.09
N ALA A 644 -13.71 20.73 2.61
CA ALA A 644 -13.11 21.90 1.99
C ALA A 644 -12.50 21.55 0.63
N MET A 645 -11.96 20.35 0.53
CA MET A 645 -11.32 19.90 -0.71
C MET A 645 -12.37 19.61 -1.79
N VAL A 646 -13.48 19.00 -1.40
CA VAL A 646 -14.58 18.76 -2.33
C VAL A 646 -15.17 20.08 -2.79
N ARG A 647 -15.41 20.98 -1.84
CA ARG A 647 -15.90 22.32 -2.14
C ARG A 647 -15.06 22.93 -3.24
N GLU A 648 -13.75 22.97 -3.00
CA GLU A 648 -12.79 23.54 -3.93
C GLU A 648 -12.91 22.94 -5.32
N LEU A 649 -13.03 21.61 -5.39
CA LEU A 649 -13.10 20.92 -6.67
C LEU A 649 -14.42 21.18 -7.39
N LEU A 650 -15.51 21.31 -6.63
CA LEU A 650 -16.81 21.61 -7.21
C LEU A 650 -16.81 23.01 -7.81
N ILE A 651 -16.13 23.96 -7.14
CA ILE A 651 -15.98 25.30 -7.69
C ILE A 651 -15.25 25.24 -9.02
N GLN A 652 -14.13 24.53 -9.05
CA GLN A 652 -13.29 24.43 -10.26
C GLN A 652 -14.03 23.74 -11.41
N PHE A 653 -14.82 22.73 -11.08
CA PHE A 653 -15.66 22.05 -12.06
C PHE A 653 -16.63 23.04 -12.70
N TYR A 654 -17.28 23.83 -11.86
CA TYR A 654 -18.24 24.83 -12.33
C TYR A 654 -17.55 25.90 -13.16
N LYS A 655 -16.34 26.29 -12.75
CA LYS A 655 -15.58 27.30 -13.47
C LYS A 655 -15.10 26.80 -14.84
N SER A 656 -14.94 25.48 -14.96
CA SER A 656 -14.45 24.87 -16.20
C SER A 656 -15.57 24.52 -17.17
N THR A 657 -16.71 24.11 -16.63
CA THR A 657 -17.80 23.55 -17.44
C THR A 657 -19.08 24.36 -17.38
N ARG A 658 -19.13 25.35 -16.50
CA ARG A 658 -20.34 26.16 -16.29
C ARG A 658 -21.51 25.29 -15.86
N PHE A 659 -21.20 24.13 -15.28
CA PHE A 659 -22.21 23.20 -14.82
C PHE A 659 -21.96 22.78 -13.37
N LYS A 660 -23.05 22.57 -12.65
CA LYS A 660 -23.00 21.99 -11.31
C LYS A 660 -23.33 20.50 -11.44
N PRO A 661 -22.40 19.61 -11.03
CA PRO A 661 -22.65 18.18 -11.25
C PRO A 661 -23.85 17.64 -10.49
N THR A 662 -24.68 16.88 -11.18
CA THR A 662 -25.86 16.28 -10.57
C THR A 662 -25.49 14.99 -9.84
N ARG A 663 -24.30 14.46 -10.15
CA ARG A 663 -23.82 13.24 -9.51
C ARG A 663 -22.35 13.35 -9.13
N ILE A 664 -22.01 12.84 -7.96
CA ILE A 664 -20.63 12.81 -7.49
C ILE A 664 -20.20 11.35 -7.30
N ILE A 665 -19.25 10.91 -8.12
CA ILE A 665 -18.74 9.55 -8.05
C ILE A 665 -17.38 9.56 -7.37
N PHE A 666 -17.33 8.97 -6.17
CA PHE A 666 -16.16 9.10 -5.29
C PHE A 666 -15.40 7.78 -5.14
N TYR A 667 -14.27 7.67 -5.82
CA TYR A 667 -13.43 6.47 -5.72
C TYR A 667 -12.37 6.64 -4.63
N ARG A 668 -12.59 5.96 -3.51
CA ARG A 668 -11.73 6.08 -2.34
C ARG A 668 -10.75 4.92 -2.25
N ASP A 669 -9.46 5.21 -2.13
CA ASP A 669 -8.45 4.17 -2.03
C ASP A 669 -8.67 3.32 -0.78
N GLY A 670 -8.18 2.09 -0.84
CA GLY A 670 -8.41 1.10 0.21
C GLY A 670 -8.19 1.59 1.62
N VAL A 671 -8.97 1.03 2.53
CA VAL A 671 -8.90 1.35 3.93
C VAL A 671 -8.84 0.10 4.84
N SER A 672 -8.29 0.26 6.03
CA SER A 672 -8.15 -0.83 7.00
C SER A 672 -9.51 -1.37 7.32
N GLU A 673 -9.60 -2.68 7.59
CA GLU A 673 -10.92 -3.28 7.79
C GLU A 673 -11.66 -2.65 8.94
N GLY A 674 -11.09 -2.22 10.07
CA GLY A 674 -11.93 -1.43 11.04
C GLY A 674 -12.42 0.02 10.64
N GLN A 675 -11.48 0.60 9.90
CA GLN A 675 -11.67 1.95 9.41
C GLN A 675 -12.77 2.20 8.41
N PHE A 676 -13.34 1.19 7.81
CA PHE A 676 -14.39 1.34 6.88
C PHE A 676 -15.53 2.04 7.51
N GLN A 677 -15.94 1.56 8.68
CA GLN A 677 -17.03 2.21 9.36
C GLN A 677 -16.55 3.60 9.75
N GLN A 678 -15.31 3.74 10.24
CA GLN A 678 -14.92 5.20 10.49
C GLN A 678 -14.91 6.22 9.30
N VAL A 679 -14.43 5.82 8.13
CA VAL A 679 -14.22 6.55 6.89
C VAL A 679 -15.56 6.90 6.29
N LEU A 680 -16.46 5.94 6.28
CA LEU A 680 -17.71 6.12 5.64
C LEU A 680 -18.42 7.23 6.35
N HIS A 681 -18.36 7.21 7.66
CA HIS A 681 -19.06 8.20 8.43
C HIS A 681 -18.54 9.60 8.34
N HIS A 682 -17.24 9.83 8.49
CA HIS A 682 -16.72 11.17 8.32
C HIS A 682 -16.70 11.73 6.93
N GLU A 683 -16.27 10.93 5.97
CA GLU A 683 -16.00 11.41 4.61
C GLU A 683 -17.27 11.48 3.76
N LEU A 684 -18.22 10.56 3.96
CA LEU A 684 -19.50 10.65 3.23
C LEU A 684 -20.22 11.93 3.61
N LEU A 685 -20.21 12.24 4.91
CA LEU A 685 -20.86 13.44 5.42
C LEU A 685 -20.10 14.70 5.00
N ALA A 686 -18.78 14.61 4.91
CA ALA A 686 -17.98 15.74 4.48
C ALA A 686 -18.32 16.12 3.04
N ILE A 687 -18.53 15.10 2.21
CA ILE A 687 -18.93 15.30 0.82
C ILE A 687 -20.28 16.01 0.75
N ARG A 688 -21.24 15.54 1.56
CA ARG A 688 -22.55 16.18 1.63
C ARG A 688 -22.44 17.62 2.11
N GLU A 689 -21.57 17.85 3.09
CA GLU A 689 -21.40 19.18 3.67
C GLU A 689 -20.89 20.18 2.63
N ALA A 690 -20.02 19.71 1.73
CA ALA A 690 -19.46 20.58 0.69
C ALA A 690 -20.55 21.10 -0.24
N CYS A 691 -21.46 20.22 -0.63
CA CYS A 691 -22.58 20.57 -1.49
C CYS A 691 -23.50 21.60 -0.84
N ILE A 692 -23.71 21.46 0.47
CA ILE A 692 -24.64 22.30 1.21
C ILE A 692 -24.07 23.68 1.49
N LYS A 693 -22.78 23.76 1.85
CA LYS A 693 -22.16 25.06 2.12
C LYS A 693 -21.90 25.81 0.81
N LEU A 694 -22.17 25.15 -0.29
CA LEU A 694 -22.14 25.79 -1.57
C LEU A 694 -23.49 26.39 -1.87
N GLU A 695 -24.52 25.58 -1.74
CA GLU A 695 -25.91 26.03 -1.91
C GLU A 695 -26.84 25.20 -1.03
N LYS A 696 -27.81 25.88 -0.43
CA LYS A 696 -28.84 25.21 0.36
C LYS A 696 -29.61 24.18 -0.47
N ASP A 697 -29.81 24.52 -1.75
CA ASP A 697 -30.65 23.72 -2.64
C ASP A 697 -29.87 22.63 -3.39
N TYR A 698 -28.55 22.66 -3.28
CA TYR A 698 -27.68 21.75 -4.04
C TYR A 698 -27.55 20.39 -3.37
N GLN A 699 -28.06 19.36 -4.04
CA GLN A 699 -28.14 18.02 -3.45
C GLN A 699 -27.94 16.92 -4.50
N PRO A 700 -26.68 16.72 -4.94
CA PRO A 700 -26.40 15.70 -5.96
C PRO A 700 -26.31 14.30 -5.36
N GLY A 701 -26.66 13.29 -6.14
CA GLY A 701 -26.51 11.92 -5.69
C GLY A 701 -25.03 11.59 -5.57
N ILE A 702 -24.67 10.96 -4.45
CA ILE A 702 -23.29 10.55 -4.20
C ILE A 702 -23.16 9.04 -4.37
N THR A 703 -22.09 8.61 -5.04
CA THR A 703 -21.72 7.20 -5.08
C THR A 703 -20.35 7.02 -4.45
N PHE A 704 -20.32 6.41 -3.27
CA PHE A 704 -19.09 6.23 -2.53
C PHE A 704 -18.57 4.81 -2.77
N ILE A 705 -17.41 4.72 -3.43
CA ILE A 705 -16.81 3.43 -3.77
C ILE A 705 -15.40 3.33 -3.20
N VAL A 706 -15.18 2.33 -2.35
CA VAL A 706 -13.84 2.01 -1.86
C VAL A 706 -13.19 1.03 -2.83
N VAL A 707 -11.98 1.34 -3.28
CA VAL A 707 -11.24 0.49 -4.21
C VAL A 707 -10.02 -0.11 -3.50
N GLN A 708 -9.96 -1.43 -3.43
CA GLN A 708 -8.91 -2.15 -2.71
C GLN A 708 -8.04 -3.02 -3.61
N LYS A 709 -6.73 -2.81 -3.50
CA LYS A 709 -5.75 -3.66 -4.19
C LYS A 709 -5.03 -4.53 -3.16
N ARG A 710 -5.17 -4.17 -1.89
CA ARG A 710 -4.48 -4.85 -0.81
C ARG A 710 -5.32 -5.97 -0.20
N HIS A 711 -5.51 -7.02 -0.97
CA HIS A 711 -6.21 -8.21 -0.51
C HIS A 711 -5.50 -9.42 -1.10
N HIS A 712 -6.00 -10.61 -0.78
CA HIS A 712 -5.37 -11.84 -1.25
C HIS A 712 -6.36 -12.70 -2.04
N THR A 713 -7.31 -12.06 -2.72
CA THR A 713 -8.17 -12.74 -3.66
C THR A 713 -7.46 -12.88 -5.01
N ARG A 714 -7.28 -14.12 -5.44
CA ARG A 714 -6.59 -14.42 -6.70
C ARG A 714 -7.52 -15.22 -7.59
N LEU A 715 -7.55 -14.87 -8.88
CA LEU A 715 -8.42 -15.54 -9.84
C LEU A 715 -7.58 -16.17 -10.94
N PHE A 716 -7.90 -17.42 -11.27
CA PHE A 716 -7.14 -18.17 -12.26
C PHE A 716 -8.07 -18.68 -13.35
N CYS A 717 -7.57 -18.75 -14.57
CA CYS A 717 -8.31 -19.32 -15.68
C CYS A 717 -8.42 -20.84 -15.52
N THR A 718 -9.64 -21.35 -15.66
CA THR A 718 -9.87 -22.79 -15.66
C THR A 718 -9.36 -23.40 -16.96
N ASP A 719 -9.78 -22.80 -18.07
CA ASP A 719 -9.32 -23.21 -19.39
C ASP A 719 -8.01 -22.51 -19.75
N LYS A 720 -7.02 -23.28 -20.20
CA LYS A 720 -5.70 -22.74 -20.50
C LYS A 720 -5.72 -21.83 -21.73
N ASN A 721 -6.70 -22.02 -22.60
CA ASN A 721 -6.86 -21.17 -23.78
C ASN A 721 -7.16 -19.71 -23.43
N GLU A 722 -7.61 -19.48 -22.19
CA GLU A 722 -7.97 -18.13 -21.75
C GLU A 722 -6.80 -17.39 -21.11
N ARG A 723 -5.73 -18.12 -20.80
CA ARG A 723 -4.55 -17.53 -20.20
C ARG A 723 -3.93 -16.49 -21.13
N VAL A 724 -3.52 -15.36 -20.55
CA VAL A 724 -2.93 -14.26 -21.33
C VAL A 724 -1.47 -14.05 -20.92
N GLY A 725 -0.58 -14.08 -21.92
CA GLY A 725 0.81 -13.74 -21.71
C GLY A 725 1.66 -14.84 -21.11
N LYS A 726 2.93 -14.50 -20.85
CA LYS A 726 3.87 -15.42 -20.22
C LYS A 726 3.43 -15.75 -18.79
N SER A 727 2.81 -14.77 -18.13
CA SER A 727 2.38 -14.92 -16.74
C SER A 727 1.07 -15.69 -16.64
N GLY A 728 0.42 -15.93 -17.78
CA GLY A 728 -0.78 -16.74 -17.84
C GLY A 728 -1.92 -16.23 -16.98
N ASN A 729 -2.04 -14.90 -16.89
CA ASN A 729 -3.11 -14.30 -16.10
C ASN A 729 -4.41 -14.17 -16.87
N ILE A 730 -5.48 -13.90 -16.12
CA ILE A 730 -6.79 -13.60 -16.70
C ILE A 730 -6.72 -12.37 -17.60
N PRO A 731 -7.62 -12.28 -18.55
CA PRO A 731 -7.64 -11.12 -19.43
C PRO A 731 -8.17 -9.84 -18.78
N ALA A 732 -7.76 -8.71 -19.30
CA ALA A 732 -8.20 -7.45 -18.80
C ALA A 732 -9.69 -7.33 -19.00
N GLY A 733 -10.40 -6.79 -18.03
CA GLY A 733 -11.83 -6.70 -18.12
C GLY A 733 -12.63 -7.81 -17.49
N THR A 734 -11.98 -8.68 -16.77
CA THR A 734 -12.61 -9.78 -16.09
C THR A 734 -13.28 -9.34 -14.80
N THR A 735 -14.56 -9.63 -14.70
CA THR A 735 -15.36 -9.19 -13.60
C THR A 735 -16.09 -10.27 -12.86
N VAL A 736 -15.98 -10.27 -11.56
CA VAL A 736 -16.65 -11.21 -10.71
C VAL A 736 -17.51 -10.52 -9.70
N ASP A 737 -18.81 -10.79 -9.72
CA ASP A 737 -19.69 -10.30 -8.68
C ASP A 737 -20.50 -11.38 -8.02
N THR A 738 -20.09 -12.63 -8.19
CA THR A 738 -20.80 -13.77 -7.65
C THR A 738 -19.87 -14.75 -6.97
N LYS A 739 -20.44 -15.63 -6.16
CA LYS A 739 -19.74 -16.69 -5.42
C LYS A 739 -18.84 -16.27 -4.26
N ILE A 740 -17.86 -15.43 -4.52
CA ILE A 740 -16.95 -15.02 -3.50
C ILE A 740 -17.20 -13.64 -2.98
N THR A 741 -18.19 -12.98 -3.52
CA THR A 741 -18.53 -11.64 -3.12
C THR A 741 -19.43 -11.57 -1.89
N HIS A 742 -19.72 -10.37 -1.45
CA HIS A 742 -20.51 -10.17 -0.27
C HIS A 742 -21.88 -10.72 -0.43
N PRO A 743 -22.34 -11.38 0.71
CA PRO A 743 -23.70 -11.90 0.56
C PRO A 743 -24.82 -10.89 0.34
N THR A 744 -24.80 -9.75 1.02
CA THR A 744 -25.87 -8.80 0.86
C THR A 744 -25.52 -7.52 0.13
N GLU A 745 -24.29 -7.11 0.24
CA GLU A 745 -23.86 -5.77 -0.14
C GLU A 745 -23.36 -5.70 -1.58
N PHE A 746 -23.13 -4.46 -2.04
CA PHE A 746 -22.79 -4.19 -3.43
C PHE A 746 -21.27 -4.10 -3.60
N ASP A 747 -20.66 -5.22 -3.97
CA ASP A 747 -19.23 -5.26 -4.27
C ASP A 747 -18.94 -6.18 -5.44
N PHE A 748 -17.82 -5.93 -6.11
CA PHE A 748 -17.39 -6.75 -7.22
C PHE A 748 -15.88 -6.66 -7.40
N TYR A 749 -15.30 -7.67 -8.05
CA TYR A 749 -13.91 -7.63 -8.47
C TYR A 749 -13.84 -7.26 -9.95
N LEU A 750 -12.84 -6.47 -10.32
CA LEU A 750 -12.61 -6.11 -11.72
C LEU A 750 -11.12 -6.02 -12.02
N CYS A 751 -10.61 -7.03 -12.72
CA CYS A 751 -9.23 -7.02 -13.18
C CYS A 751 -9.15 -6.27 -14.50
N SER A 752 -8.92 -4.97 -14.41
CA SER A 752 -8.99 -4.07 -15.57
C SER A 752 -7.71 -4.05 -16.40
N HIS A 753 -6.64 -4.59 -15.83
CA HIS A 753 -5.31 -4.46 -16.42
C HIS A 753 -4.78 -5.80 -16.95
N ALA A 754 -3.84 -5.72 -17.88
CA ALA A 754 -3.14 -6.90 -18.36
C ALA A 754 -2.05 -7.32 -17.39
N GLY A 755 -2.08 -8.58 -16.99
CA GLY A 755 -1.06 -9.11 -16.10
C GLY A 755 0.24 -9.34 -16.84
N ILE A 756 1.25 -8.51 -16.53
CA ILE A 756 2.54 -8.56 -17.22
C ILE A 756 3.51 -9.48 -16.50
N GLN A 757 3.60 -9.34 -15.18
CA GLN A 757 4.50 -10.15 -14.36
C GLN A 757 3.70 -10.71 -13.20
N GLY A 758 4.21 -11.81 -12.63
CA GLY A 758 3.58 -12.43 -11.47
C GLY A 758 2.12 -12.73 -11.66
N THR A 759 1.37 -12.76 -10.56
CA THR A 759 -0.06 -12.99 -10.60
C THR A 759 -0.81 -11.68 -10.40
N SER A 760 -1.80 -11.45 -11.26
CA SER A 760 -2.59 -10.23 -11.21
C SER A 760 -3.31 -10.05 -9.88
N ARG A 761 -3.51 -8.79 -9.51
CA ARG A 761 -4.36 -8.41 -8.39
C ARG A 761 -5.63 -7.78 -8.92
N PRO A 762 -6.75 -8.51 -8.90
CA PRO A 762 -7.97 -7.83 -9.34
C PRO A 762 -8.41 -6.82 -8.30
N SER A 763 -8.56 -5.56 -8.71
CA SER A 763 -9.05 -4.52 -7.82
C SER A 763 -10.44 -4.87 -7.32
N HIS A 764 -10.64 -4.74 -6.02
CA HIS A 764 -11.94 -4.96 -5.41
C HIS A 764 -12.64 -3.63 -5.22
N TYR A 765 -13.90 -3.55 -5.64
CA TYR A 765 -14.69 -2.33 -5.50
C TYR A 765 -15.89 -2.59 -4.61
N HIS A 766 -16.08 -1.71 -3.63
CA HIS A 766 -17.16 -1.85 -2.66
C HIS A 766 -17.95 -0.55 -2.53
N VAL A 767 -19.23 -0.60 -2.90
CA VAL A 767 -20.08 0.57 -2.89
C VAL A 767 -20.68 0.80 -1.50
N LEU A 768 -20.11 1.74 -0.75
CA LEU A 768 -20.59 2.03 0.61
C LEU A 768 -21.81 2.94 0.59
N TRP A 769 -22.06 3.58 -0.53
CA TRP A 769 -23.20 4.47 -0.66
C TRP A 769 -23.50 4.78 -2.12
N ASP A 770 -24.78 4.86 -2.47
CA ASP A 770 -25.18 5.12 -3.85
C ASP A 770 -26.58 5.72 -3.96
N ASP A 771 -26.65 7.06 -3.98
CA ASP A 771 -27.92 7.76 -4.22
C ASP A 771 -28.39 7.55 -5.65
N ASN A 772 -27.44 7.28 -6.55
CA ASN A 772 -27.72 7.25 -7.97
C ASN A 772 -28.34 5.94 -8.45
N ARG A 773 -28.43 4.97 -7.55
CA ARG A 773 -29.07 3.69 -7.84
C ARG A 773 -28.48 3.05 -9.11
N PHE A 774 -27.16 2.89 -9.12
CA PHE A 774 -26.47 2.27 -10.24
C PHE A 774 -26.86 0.80 -10.38
N SER A 775 -26.95 0.32 -11.61
CA SER A 775 -27.03 -1.11 -11.87
C SER A 775 -25.63 -1.69 -11.76
N SER A 776 -25.53 -3.01 -11.67
CA SER A 776 -24.22 -3.65 -11.55
C SER A 776 -23.40 -3.42 -12.81
N ASP A 777 -24.04 -3.63 -13.97
CA ASP A 777 -23.35 -3.51 -15.24
C ASP A 777 -22.79 -2.11 -15.47
N GLU A 778 -23.63 -1.10 -15.27
CA GLU A 778 -23.23 0.27 -15.60
C GLU A 778 -22.08 0.74 -14.73
N LEU A 779 -22.09 0.35 -13.46
CA LEU A 779 -21.04 0.76 -12.55
C LEU A 779 -19.74 0.05 -12.88
N GLN A 780 -19.85 -1.24 -13.19
CA GLN A 780 -18.69 -2.05 -13.54
C GLN A 780 -18.05 -1.57 -14.85
N ILE A 781 -18.88 -1.29 -15.84
CA ILE A 781 -18.40 -0.76 -17.11
C ILE A 781 -17.84 0.65 -16.95
N LEU A 782 -18.53 1.49 -16.20
CA LEU A 782 -18.04 2.83 -15.90
C LEU A 782 -16.63 2.74 -15.30
N THR A 783 -16.49 1.91 -14.27
CA THR A 783 -15.21 1.72 -13.59
C THR A 783 -14.13 1.23 -14.56
N TYR A 784 -14.51 0.29 -15.41
CA TYR A 784 -13.58 -0.28 -16.38
C TYR A 784 -13.15 0.77 -17.41
N GLN A 785 -14.10 1.56 -17.90
CA GLN A 785 -13.78 2.61 -18.87
C GLN A 785 -12.89 3.70 -18.26
N LEU A 786 -13.09 4.01 -16.99
CA LEU A 786 -12.28 5.01 -16.31
C LEU A 786 -10.82 4.55 -16.17
N CYS A 787 -10.61 3.24 -16.23
CA CYS A 787 -9.26 2.70 -16.21
C CYS A 787 -8.56 2.84 -17.56
N HIS A 788 -9.27 3.34 -18.55
CA HIS A 788 -8.71 3.60 -19.87
C HIS A 788 -8.41 5.09 -20.09
N THR A 789 -8.55 5.90 -19.05
CA THR A 789 -8.37 7.35 -19.16
C THR A 789 -7.07 7.82 -18.52
N TYR A 790 -6.24 6.86 -18.13
CA TYR A 790 -4.96 7.14 -17.49
C TYR A 790 -3.94 7.56 -18.55
N VAL A 791 -3.48 8.81 -18.47
CA VAL A 791 -2.77 9.43 -19.59
C VAL A 791 -1.28 9.05 -19.71
N ARG A 792 -0.71 8.47 -18.66
CA ARG A 792 0.73 8.17 -18.66
C ARG A 792 1.09 6.95 -19.53
N CYS A 793 0.07 6.28 -20.05
CA CYS A 793 0.30 5.10 -20.87
C CYS A 793 -0.94 4.71 -21.65
N THR A 794 -0.73 4.06 -22.80
CA THR A 794 -1.84 3.58 -23.62
C THR A 794 -2.21 2.15 -23.22
N ARG A 795 -2.63 2.00 -21.96
CA ARG A 795 -3.07 0.71 -21.45
C ARG A 795 -4.12 0.91 -20.37
N SER A 796 -4.94 -0.11 -20.17
CA SER A 796 -5.92 -0.12 -19.09
C SER A 796 -5.20 -0.40 -17.77
N VAL A 797 -5.27 0.54 -16.84
CA VAL A 797 -4.56 0.41 -15.57
C VAL A 797 -5.42 -0.24 -14.49
N SER A 798 -4.75 -0.72 -13.43
CA SER A 798 -5.38 -1.58 -12.43
C SER A 798 -6.43 -0.89 -11.57
N ILE A 799 -6.48 0.44 -11.60
CA ILE A 799 -7.51 1.20 -10.90
C ILE A 799 -7.93 2.38 -11.78
N PRO A 800 -9.11 2.95 -11.51
CA PRO A 800 -9.54 4.08 -12.32
C PRO A 800 -8.58 5.26 -12.17
N ALA A 801 -8.40 6.03 -13.24
CA ALA A 801 -7.46 7.15 -13.26
C ALA A 801 -7.58 8.09 -12.04
N PRO A 802 -8.81 8.45 -11.63
CA PRO A 802 -8.93 9.36 -10.49
C PRO A 802 -8.20 8.87 -9.25
N ALA A 803 -8.44 7.61 -8.89
CA ALA A 803 -7.78 6.99 -7.76
C ALA A 803 -6.27 6.99 -7.96
N TYR A 804 -5.83 6.70 -9.17
CA TYR A 804 -4.41 6.65 -9.48
C TYR A 804 -3.79 8.05 -9.37
N TYR A 805 -4.48 9.04 -9.95
CA TYR A 805 -4.02 10.42 -9.89
C TYR A 805 -3.89 10.92 -8.45
N ALA A 806 -4.87 10.59 -7.62
CA ALA A 806 -4.82 10.97 -6.21
C ALA A 806 -3.52 10.50 -5.57
N HIS A 807 -3.10 9.29 -5.92
CA HIS A 807 -1.86 8.72 -5.39
C HIS A 807 -0.65 9.50 -5.91
N LEU A 808 -0.69 9.90 -7.19
CA LEU A 808 0.40 10.68 -7.77
C LEU A 808 0.52 12.05 -7.11
N VAL A 809 -0.63 12.69 -6.87
CA VAL A 809 -0.66 14.00 -6.24
C VAL A 809 -0.08 13.96 -4.83
N ALA A 810 -0.57 13.03 -4.01
CA ALA A 810 -0.10 12.87 -2.64
C ALA A 810 1.41 12.60 -2.62
N PHE A 811 1.85 11.79 -3.57
CA PHE A 811 3.26 11.41 -3.66
C PHE A 811 4.12 12.60 -4.08
N ARG A 812 3.59 13.41 -4.99
CA ARG A 812 4.31 14.59 -5.47
C ARG A 812 4.44 15.62 -4.35
N ALA A 813 3.47 15.62 -3.44
CA ALA A 813 3.46 16.56 -2.33
C ALA A 813 4.63 16.33 -1.38
N ARG A 814 5.06 15.07 -1.26
CA ARG A 814 6.26 14.74 -0.49
C ARG A 814 7.46 15.54 -0.97
N TYR A 815 7.66 15.52 -2.29
CA TYR A 815 8.80 16.18 -2.91
C TYR A 815 8.73 17.69 -2.72
N HIS A 816 7.52 18.21 -2.60
CA HIS A 816 7.31 19.63 -2.34
C HIS A 816 7.73 20.00 -0.91
N LEU A 817 7.81 19.00 -0.05
CA LEU A 817 8.07 19.21 1.38
C LEU A 817 9.54 19.00 1.78
N VAL A 818 10.37 18.64 0.82
CA VAL A 818 11.75 18.23 1.11
C VAL A 818 12.62 19.33 1.73
N ASP A 819 12.36 20.58 1.35
CA ASP A 819 13.21 21.70 1.78
C ASP A 819 13.34 21.77 3.30
N ASP A 838 4.34 25.77 12.55
CA ASP A 838 5.04 24.98 11.54
C ASP A 838 4.03 24.27 10.63
N HIS A 839 2.77 24.26 11.05
CA HIS A 839 1.70 23.68 10.25
C HIS A 839 1.36 24.60 9.08
N GLN A 840 1.33 25.90 9.36
CA GLN A 840 1.05 26.91 8.36
C GLN A 840 2.06 26.85 7.22
N ALA A 841 3.32 26.63 7.60
CA ALA A 841 4.41 26.55 6.63
C ALA A 841 4.30 25.30 5.76
N LEU A 842 3.97 24.17 6.37
CA LEU A 842 3.84 22.91 5.62
C LEU A 842 2.69 22.96 4.64
N ALA A 843 1.54 23.46 5.10
CA ALA A 843 0.36 23.59 4.25
C ALA A 843 0.67 24.49 3.05
N LYS A 844 1.51 25.48 3.27
CA LYS A 844 1.89 26.43 2.24
C LYS A 844 2.86 25.80 1.24
N ALA A 845 3.83 25.05 1.76
CA ALA A 845 4.84 24.41 0.93
C ALA A 845 4.19 23.40 -0.03
N VAL A 846 3.04 22.87 0.38
CA VAL A 846 2.31 21.88 -0.42
C VAL A 846 1.45 22.54 -1.50
N GLN A 847 1.05 23.79 -1.25
CA GLN A 847 0.14 24.50 -2.14
C GLN A 847 0.78 24.69 -3.53
N VAL A 848 -0.02 24.51 -4.57
CA VAL A 848 0.45 24.54 -5.95
C VAL A 848 0.16 25.89 -6.61
N HIS A 849 1.03 26.29 -7.53
CA HIS A 849 0.84 27.53 -8.29
C HIS A 849 -0.49 27.50 -9.05
N GLN A 850 -1.19 28.64 -9.08
CA GLN A 850 -2.55 28.65 -9.61
C GLN A 850 -2.58 28.40 -11.12
N ASP A 851 -1.52 28.80 -11.81
CA ASP A 851 -1.39 28.48 -13.24
C ASP A 851 -1.11 27.00 -13.40
N THR A 852 -0.37 26.42 -12.47
CA THR A 852 -0.06 25.01 -12.48
C THR A 852 -1.30 24.18 -12.12
N LEU A 853 -2.16 24.74 -11.28
CA LEU A 853 -3.33 24.02 -10.79
C LEU A 853 -4.30 23.70 -11.92
N ARG A 854 -4.23 24.47 -13.01
CA ARG A 854 -5.07 24.24 -14.17
C ARG A 854 -4.74 22.89 -14.80
N THR A 855 -3.45 22.61 -14.94
CA THR A 855 -2.99 21.42 -15.65
C THR A 855 -2.75 20.23 -14.71
N MET A 856 -2.55 19.06 -15.31
CA MET A 856 -2.22 17.86 -14.54
C MET A 856 -0.71 17.74 -14.37
N TYR A 857 -0.17 18.57 -13.49
CA TYR A 857 1.27 18.64 -13.22
C TYR A 857 1.85 17.35 -12.63
N PHE A 858 0.97 16.53 -12.08
CA PHE A 858 1.38 15.32 -11.37
C PHE A 858 1.64 14.14 -12.29
N ALA A 859 1.28 14.28 -13.56
CA ALA A 859 1.47 13.19 -14.53
C ALA A 859 2.96 13.00 -14.81
C1 IPH C . -21.32 25.93 -7.32
C2 IPH C . -22.50 25.51 -6.72
C3 IPH C . -22.83 24.16 -6.72
C4 IPH C . -21.99 23.24 -7.32
C5 IPH C . -20.80 23.67 -7.92
C6 IPH C . -20.47 25.01 -7.92
O1 IPH C . -20.99 27.26 -7.33
C1 IPH D . -21.33 16.56 -18.73
C2 IPH D . -20.76 17.79 -18.60
C3 IPH D . -19.72 17.98 -17.72
C4 IPH D . -19.28 16.91 -16.99
C5 IPH D . -19.86 15.67 -17.11
C6 IPH D . -20.89 15.50 -17.99
O1 IPH D . -22.35 16.39 -19.59
MG MG E . -3.91 4.56 0.42
#